data_4UE5
#
_entry.id   4UE5
#
_cell.length_a   1.000
_cell.length_b   1.000
_cell.length_c   1.000
_cell.angle_alpha   90.00
_cell.angle_beta   90.00
_cell.angle_gamma   90.00
#
_symmetry.space_group_name_H-M   'P 1'
#
loop_
_entity.id
_entity.type
_entity.pdbx_description
1 polymer '7S RNA'
2 polymer SRP14
3 polymer 'SIGNAL RECOGNITION PARTICLE SUBUNIT SRP68'
4 polymer 'SIGNAL RECOGNITION PARTICLE 54 KDA PROTEIN'
5 polymer SRP9
6 polymer 'SIGNAL RECOGNITION PARTICLE 9 KDA PROTEIN'
7 polymer 'SIGNAL SEQUENCE'
#
loop_
_entity_poly.entity_id
_entity_poly.type
_entity_poly.pdbx_seq_one_letter_code
_entity_poly.pdbx_strand_id
1 'polyribonucleotide'
;GCCGGGCGCGGUGGCGCGCGCCUGUAGUCCCAGCUACUCGGGAGGCUGAGGCAGGAGGAUCGCUUGAGCCCAGGAGUUCU
GGGCUGCAGUGCGCUAUGCCGAUCGGGUGUCCGCACUAAGUUCGGCAUCAAUAUGGUGACCUCCCGGGAGCGGGGGACCA
CCAGGUUGCCUAAGGAGGGGUGAACCGGCCCAGGUCGGAAACGGAGCAGGUCAAAACUCCCGUGCUGAUCAGUAGUGGGA
UCGCGCCUGUGAAUAGCCACUGCACUCCAGCCUGUGCAACAUAGCGAGACCCCGUCUCU
;
A
2 'polypeptide(L)' VLLESEQFLTELTRLFQKCRLSGSVFITLKKYDNKCLLRATDGKKKISTVVSSKEVNKFQMAYSNLLRANMDGLK B
3 'polypeptide(L)'
;LSLEILQIIKESQQQHGLRHGDFQRYRGYCSRRQRRLRKTLNFKMGNRHKFTGKKVTEDLLTDNRYLLLVLMDAERAWSY
AMQLKQEANTEPRKRFHLLSRLRKAVKHAEELERLCESNRVDAKTKLEAQAYTAYLSGMLRFEHQEWKAAIEAFNKCKTI
YEKLASAFTEEQAVLYNQRVEEISPNIRYCAYNIG
;
C
4 'polypeptide(L)'
;MVLADLGRKITSALRSLSNATIINEEVLNAMLKEVCTALLEADVNIKLVKQLRENVKSAIDLEEMASGLNKRKMIQHAVF
KELVKLVDPGVKAWTPTKGKQNVIMFVGLQGSGKTTTCSKLAYYYQRKGWKTCLICADTFRAGAFDQLKQNATKARIPFY
GSYTEMDPVIIASEGVEKFKNENFEIIIVDTSGRHKQEDSLFEEMLQVANAIQPDNIVYVMDASIGQACEAQAKAFKDKV
DVASVIVTKLDGHAKGGGALSAVAATKSPIIFIGTGEHIDDFEPFKTQPFISKLLGMGDIEGLIDKVNELKLDDNEALIE
KLKHGQFTLRDMYEQFQNIMKMGPFSQILGMIPGFGTDFMSKGNEQESMARLKKLMTIMDSMNDQELDSTDGAKVFSKQP
GRIQRVARGSGVSTRDVQELLTQYTKFAQMVKK
;
D
5 'polypeptide(L)' AQYQTWEEFSRAAEKLYLADPMKARVVLKYRHSDGSLCIKVTDDLVCLVYRTDQAQDVKKIEKFHSQLMRLMVA E
6 'polypeptide(L)'
;RFICIYPAYLNNKKTIAEGRRIPISKAVENPTATEIQDVCSAVGLNVFLEKNKMYSREWNRDVQYRGRVRVQLKQEDGSL
CLVQFPSRKSVMLYAAEMIPKLKTRTQ
;
F
7 'polypeptide(L)' LGFPINFLTLYVTVQHKK S
#
loop_
_chem_comp.id
_chem_comp.type
_chem_comp.name
_chem_comp.formula
A RNA linking ADENOSINE-5'-MONOPHOSPHATE 'C10 H14 N5 O7 P'
C RNA linking CYTIDINE-5'-MONOPHOSPHATE 'C9 H14 N3 O8 P'
G RNA linking GUANOSINE-5'-MONOPHOSPHATE 'C10 H14 N5 O8 P'
U RNA linking URIDINE-5'-MONOPHOSPHATE 'C9 H13 N2 O9 P'
#
# COMPACT_ATOMS: atom_id res chain seq x y z
N VAL B 1 62.20 27.23 132.75
CA VAL B 1 62.88 28.37 132.05
C VAL B 1 62.01 29.01 130.98
N LEU B 2 61.78 30.31 131.13
CA LEU B 2 60.97 31.07 130.20
C LEU B 2 61.66 31.46 128.91
N LEU B 3 60.88 31.58 127.84
CA LEU B 3 61.36 31.96 126.52
C LEU B 3 60.76 33.33 126.17
N GLU B 4 61.47 34.11 125.36
CA GLU B 4 60.97 35.42 124.95
C GLU B 4 59.68 35.18 124.17
N SER B 5 58.70 36.06 124.35
CA SER B 5 57.41 35.93 123.67
C SER B 5 57.48 35.45 122.22
N GLU B 6 58.27 36.16 121.40
CA GLU B 6 58.42 35.81 119.99
C GLU B 6 58.95 34.38 119.82
N GLN B 7 60.13 34.13 120.38
CA GLN B 7 60.75 32.81 120.33
C GLN B 7 59.72 31.73 120.66
N PHE B 8 58.97 31.94 121.74
CA PHE B 8 57.96 30.99 122.14
C PHE B 8 57.12 30.57 120.97
N LEU B 9 56.52 31.56 120.32
CA LEU B 9 55.68 31.32 119.17
C LEU B 9 56.38 30.57 118.03
N THR B 10 57.69 30.71 117.92
CA THR B 10 58.37 29.97 116.86
C THR B 10 58.55 28.50 117.24
N GLU B 11 58.98 28.23 118.48
CA GLU B 11 59.14 26.86 118.95
C GLU B 11 57.79 26.16 118.87
N LEU B 12 56.74 26.86 119.28
CA LEU B 12 55.42 26.26 119.25
C LEU B 12 55.05 25.84 117.85
N THR B 13 55.19 26.76 116.89
CA THR B 13 54.90 26.49 115.47
C THR B 13 55.64 25.23 115.05
N ARG B 14 56.86 25.10 115.55
CA ARG B 14 57.70 23.94 115.29
C ARG B 14 57.13 22.67 115.94
N LEU B 15 56.68 22.77 117.19
CA LEU B 15 56.11 21.59 117.84
C LEU B 15 55.03 21.03 116.97
N PHE B 16 54.09 21.87 116.58
CA PHE B 16 53.00 21.43 115.74
C PHE B 16 53.51 20.75 114.48
N GLN B 17 54.51 21.35 113.86
CA GLN B 17 55.04 20.78 112.64
C GLN B 17 55.60 19.39 112.84
N LYS B 18 56.27 19.15 113.96
CA LYS B 18 56.86 17.85 114.27
C LYS B 18 55.83 16.80 114.64
N CYS B 19 54.71 17.24 115.20
CA CYS B 19 53.68 16.32 115.62
C CYS B 19 52.64 16.01 114.56
N ARG B 20 52.78 16.54 113.36
CA ARG B 20 51.78 16.23 112.36
C ARG B 20 51.76 14.73 112.07
N LEU B 21 52.85 14.21 111.53
CA LEU B 21 52.89 12.80 111.17
C LEU B 21 52.19 11.86 112.12
N SER B 22 52.49 11.99 113.41
CA SER B 22 51.90 11.12 114.46
C SER B 22 52.47 11.52 115.83
N GLY B 23 51.68 12.26 116.60
CA GLY B 23 52.10 12.71 117.92
C GLY B 23 51.00 13.59 118.50
N SER B 24 51.28 14.43 119.50
CA SER B 24 50.21 15.29 120.02
C SER B 24 50.81 16.51 120.62
N VAL B 25 50.09 17.62 120.54
CA VAL B 25 50.58 18.87 121.10
C VAL B 25 49.74 19.24 122.30
N PHE B 26 50.36 19.61 123.41
CA PHE B 26 49.57 20.02 124.55
C PHE B 26 49.89 21.49 124.85
N ILE B 27 48.87 22.30 125.07
CA ILE B 27 49.10 23.70 125.37
C ILE B 27 48.30 24.04 126.60
N THR B 28 48.95 24.58 127.64
CA THR B 28 48.25 24.92 128.89
C THR B 28 48.43 26.40 129.28
N LEU B 29 47.37 26.97 129.84
CA LEU B 29 47.33 28.37 130.21
C LEU B 29 46.90 28.60 131.66
N LYS B 30 47.70 29.35 132.42
CA LYS B 30 47.40 29.61 133.83
C LYS B 30 47.95 30.96 134.32
N LYS B 31 47.27 31.58 135.29
CA LYS B 31 47.69 32.87 135.87
C LYS B 31 49.07 32.75 136.54
N TYR B 32 50.02 33.57 136.11
CA TYR B 32 51.38 33.54 136.64
C TYR B 32 51.49 34.40 137.89
N ASP B 33 52.16 33.87 138.91
CA ASP B 33 52.36 34.62 140.16
C ASP B 33 53.25 33.87 141.15
N ASN B 34 50.43 41.74 136.64
CA ASN B 34 49.61 40.63 136.16
C ASN B 34 50.05 40.04 134.84
N LYS B 35 50.23 38.72 134.84
CA LYS B 35 50.66 38.01 133.65
C LYS B 35 49.95 36.67 133.61
N CYS B 36 50.31 35.86 132.63
CA CYS B 36 49.73 34.54 132.51
C CYS B 36 50.77 33.67 131.82
N LEU B 37 51.01 32.51 132.40
CA LEU B 37 51.98 31.55 131.91
C LEU B 37 51.37 30.72 130.81
N LEU B 38 52.15 30.43 129.79
CA LEU B 38 51.67 29.65 128.67
C LEU B 38 52.70 28.57 128.41
N ARG B 39 52.26 27.31 128.42
CA ARG B 39 53.19 26.22 128.18
C ARG B 39 52.67 25.26 127.14
N ALA B 40 53.60 24.62 126.44
CA ALA B 40 53.23 23.67 125.41
C ALA B 40 54.31 22.60 125.31
N THR B 41 53.90 21.38 125.04
CA THR B 41 54.83 20.26 124.91
C THR B 41 54.27 19.16 124.02
N ASP B 42 55.18 18.32 123.52
CA ASP B 42 54.80 17.22 122.64
C ASP B 42 54.85 15.91 123.39
N GLY B 43 55.23 15.98 124.66
CA GLY B 43 55.34 14.81 125.49
C GLY B 43 56.70 14.89 126.19
N LYS B 44 57.74 15.09 125.40
CA LYS B 44 59.11 15.18 125.89
C LYS B 44 59.62 16.62 125.98
N LYS B 45 59.78 17.26 124.82
CA LYS B 45 60.26 18.64 124.73
C LYS B 45 59.23 19.57 125.34
N LYS B 46 59.67 20.56 126.11
CA LYS B 46 58.73 21.46 126.78
C LYS B 46 59.06 22.96 126.67
N ILE B 47 58.14 23.76 126.14
CA ILE B 47 58.36 25.21 126.00
C ILE B 47 57.35 25.99 126.80
N SER B 48 57.78 27.15 127.33
CA SER B 48 56.90 28.01 128.12
C SER B 48 57.20 29.51 127.97
N THR B 49 56.23 30.35 128.33
CA THR B 49 56.41 31.78 128.23
C THR B 49 55.39 32.53 129.05
N VAL B 50 55.71 33.79 129.35
CA VAL B 50 54.83 34.65 130.13
C VAL B 50 54.37 35.83 129.27
N VAL B 51 53.07 36.04 129.21
CA VAL B 51 52.51 37.14 128.42
C VAL B 51 51.82 38.13 129.34
N SER B 52 52.20 39.40 129.21
CA SER B 52 51.70 40.52 130.03
C SER B 52 50.82 41.46 129.24
N SER B 53 50.34 42.52 129.87
CA SER B 53 49.49 43.51 129.19
C SER B 53 50.37 44.25 128.21
N LYS B 54 51.63 44.39 128.58
CA LYS B 54 52.59 45.08 127.73
C LYS B 54 52.65 44.39 126.37
N GLU B 55 52.48 43.07 126.38
CA GLU B 55 52.58 42.27 125.16
C GLU B 55 51.37 41.48 124.62
N VAL B 56 50.23 41.51 125.30
CA VAL B 56 49.05 40.75 124.85
C VAL B 56 48.68 40.98 123.40
N ASN B 57 48.76 42.22 122.93
CA ASN B 57 48.36 42.55 121.58
C ASN B 57 49.19 41.87 120.51
N LYS B 58 50.47 42.20 120.40
CA LYS B 58 51.26 41.55 119.36
C LYS B 58 51.11 40.03 119.45
N PHE B 59 51.09 39.54 120.69
CA PHE B 59 51.01 38.11 120.98
C PHE B 59 49.70 37.41 120.62
N GLN B 60 48.55 37.96 121.05
CA GLN B 60 47.27 37.32 120.74
C GLN B 60 47.11 37.08 119.23
N MET B 61 47.23 38.14 118.43
CA MET B 61 47.07 37.95 116.99
C MET B 61 48.02 36.87 116.47
N ALA B 62 49.29 36.94 116.86
CA ALA B 62 50.25 35.94 116.44
C ALA B 62 49.84 34.57 116.93
N TYR B 63 49.57 34.47 118.23
CA TYR B 63 49.15 33.20 118.81
C TYR B 63 47.89 32.70 118.10
N SER B 64 46.97 33.62 117.84
CA SER B 64 45.72 33.29 117.17
C SER B 64 45.97 32.68 115.79
N ASN B 65 46.85 33.30 115.03
CA ASN B 65 47.14 32.79 113.71
C ASN B 65 47.74 31.41 113.84
N LEU B 66 48.67 31.27 114.79
CA LEU B 66 49.32 29.97 114.97
C LEU B 66 48.33 28.84 115.22
N LEU B 67 47.42 29.02 116.18
CA LEU B 67 46.46 27.98 116.45
C LEU B 67 45.60 27.67 115.24
N ARG B 68 45.04 28.70 114.63
CA ARG B 68 44.15 28.45 113.49
C ARG B 68 44.68 27.67 112.32
N ALA B 69 45.82 28.10 111.80
CA ALA B 69 46.44 27.45 110.64
C ALA B 69 47.02 26.07 110.93
N ASN B 70 47.49 25.84 112.14
CA ASN B 70 48.06 24.56 112.47
C ASN B 70 47.14 23.44 112.96
N MET B 71 45.86 23.71 113.20
CA MET B 71 44.97 22.65 113.65
C MET B 71 44.04 22.28 112.48
N ASP B 72 44.59 21.63 111.46
CA ASP B 72 43.78 21.34 110.29
C ASP B 72 43.04 20.00 110.08
N GLY B 73 43.60 18.91 110.58
CA GLY B 73 42.99 17.61 110.37
C GLY B 73 41.49 17.40 110.56
N LEU B 74 40.83 18.24 111.38
CA LEU B 74 39.40 18.07 111.68
C LEU B 74 38.43 17.95 110.51
N LYS B 75 37.18 17.61 110.79
CA LYS B 75 36.15 17.48 109.74
C LYS B 75 35.66 18.84 109.25
N LEU C 1 -24.08 -54.17 44.64
CA LEU C 1 -24.14 -52.97 43.81
C LEU C 1 -25.57 -52.63 43.42
N SER C 2 -25.87 -51.33 43.30
CA SER C 2 -27.24 -50.89 43.09
C SER C 2 -27.31 -49.79 42.04
N LEU C 3 -28.43 -49.71 41.32
CA LEU C 3 -28.68 -48.64 40.37
C LEU C 3 -30.18 -48.45 40.08
N GLU C 4 -30.72 -47.31 40.47
CA GLU C 4 -32.14 -47.02 40.31
C GLU C 4 -32.43 -46.24 39.02
N ILE C 5 -32.54 -46.97 37.91
CA ILE C 5 -32.59 -46.36 36.58
C ILE C 5 -33.69 -45.30 36.36
N LEU C 6 -34.94 -45.70 36.51
CA LEU C 6 -36.06 -44.79 36.24
C LEU C 6 -35.98 -43.48 37.02
N GLN C 7 -35.55 -43.55 38.28
CA GLN C 7 -35.43 -42.38 39.13
C GLN C 7 -34.31 -41.46 38.65
N ILE C 8 -33.18 -42.06 38.27
CA ILE C 8 -32.04 -41.31 37.78
C ILE C 8 -32.40 -40.53 36.52
N ILE C 9 -32.92 -41.24 35.53
CA ILE C 9 -33.23 -40.62 34.27
C ILE C 9 -34.27 -39.53 34.48
N LYS C 10 -35.29 -39.81 35.27
CA LYS C 10 -36.36 -38.84 35.47
C LYS C 10 -35.88 -37.54 36.14
N GLU C 11 -34.81 -37.63 36.93
CA GLU C 11 -34.33 -36.44 37.63
C GLU C 11 -33.23 -35.73 36.86
N SER C 12 -32.40 -36.49 36.15
CA SER C 12 -31.45 -35.89 35.24
C SER C 12 -32.22 -35.11 34.19
N GLN C 13 -33.19 -35.79 33.57
CA GLN C 13 -33.97 -35.23 32.47
C GLN C 13 -34.62 -33.91 32.82
N GLN C 14 -35.26 -33.86 33.98
CA GLN C 14 -36.01 -32.68 34.34
C GLN C 14 -35.13 -31.50 34.71
N GLN C 15 -33.94 -31.78 35.21
CA GLN C 15 -33.05 -30.70 35.65
C GLN C 15 -32.26 -30.00 34.53
N HIS C 16 -32.01 -30.72 33.44
CA HIS C 16 -31.16 -30.17 32.39
C HIS C 16 -31.83 -30.12 31.01
N GLY C 17 -33.06 -29.60 30.96
CA GLY C 17 -33.69 -29.35 29.68
C GLY C 17 -35.11 -29.86 29.47
N LEU C 18 -35.32 -31.15 29.68
CA LEU C 18 -36.58 -31.79 29.27
C LEU C 18 -37.82 -31.22 29.95
N ARG C 19 -37.61 -30.28 30.88
CA ARG C 19 -38.70 -29.51 31.44
C ARG C 19 -39.32 -28.71 30.32
N HIS C 20 -38.48 -28.28 29.39
CA HIS C 20 -38.95 -27.51 28.24
C HIS C 20 -38.73 -28.28 26.94
N GLY C 21 -38.10 -29.45 27.05
CA GLY C 21 -37.91 -30.32 25.91
C GLY C 21 -36.60 -30.10 25.18
N ASP C 22 -35.68 -29.40 25.82
CA ASP C 22 -34.41 -29.07 25.18
C ASP C 22 -33.45 -30.26 25.22
N PHE C 23 -33.63 -31.19 24.29
CA PHE C 23 -32.81 -32.40 24.23
C PHE C 23 -31.35 -32.15 23.92
N GLN C 24 -31.05 -30.99 23.36
CA GLN C 24 -29.67 -30.62 23.12
C GLN C 24 -28.90 -30.49 24.44
N ARG C 25 -29.41 -29.63 25.31
CA ARG C 25 -28.78 -29.36 26.60
C ARG C 25 -28.64 -30.65 27.40
N TYR C 26 -29.73 -31.40 27.50
CA TYR C 26 -29.72 -32.60 28.30
C TYR C 26 -28.76 -33.63 27.74
N ARG C 27 -28.69 -33.73 26.42
CA ARG C 27 -27.77 -34.67 25.82
C ARG C 27 -26.34 -34.24 26.15
N GLY C 28 -26.12 -32.94 26.11
CA GLY C 28 -24.83 -32.38 26.45
C GLY C 28 -24.51 -32.73 27.88
N TYR C 29 -25.51 -32.59 28.74
CA TYR C 29 -25.37 -32.93 30.15
C TYR C 29 -24.99 -34.39 30.31
N CYS C 30 -25.57 -35.24 29.49
CA CYS C 30 -25.25 -36.66 29.53
C CYS C 30 -23.80 -36.87 29.11
N SER C 31 -23.37 -36.14 28.08
CA SER C 31 -22.01 -36.25 27.56
C SER C 31 -20.96 -35.85 28.58
N ARG C 32 -21.16 -34.68 29.19
CA ARG C 32 -20.25 -34.16 30.20
C ARG C 32 -20.20 -35.05 31.42
N ARG C 33 -21.36 -35.52 31.86
CA ARG C 33 -21.44 -36.42 32.98
C ARG C 33 -20.64 -37.67 32.67
N GLN C 34 -20.74 -38.12 31.43
CA GLN C 34 -20.02 -39.32 31.01
C GLN C 34 -18.51 -39.04 31.03
N ARG C 35 -18.14 -37.77 30.85
CA ARG C 35 -16.75 -37.38 30.93
C ARG C 35 -16.26 -37.53 32.35
N ARG C 36 -16.97 -36.87 33.28
CA ARG C 36 -16.65 -36.96 34.70
C ARG C 36 -16.53 -38.40 35.14
N LEU C 37 -17.54 -39.19 34.81
CA LEU C 37 -17.60 -40.59 35.23
C LEU C 37 -16.38 -41.37 34.76
N ARG C 38 -16.09 -41.31 33.46
CA ARG C 38 -14.93 -42.04 32.95
C ARG C 38 -13.64 -41.51 33.54
N LYS C 39 -13.57 -40.20 33.75
CA LYS C 39 -12.36 -39.60 34.31
C LYS C 39 -12.11 -40.12 35.71
N THR C 40 -13.13 -40.08 36.55
CA THR C 40 -13.00 -40.62 37.90
C THR C 40 -12.61 -42.10 37.82
N LEU C 41 -13.31 -42.85 36.98
CA LEU C 41 -13.11 -44.28 36.87
C LEU C 41 -11.77 -44.68 36.26
N ASN C 42 -11.24 -43.85 35.37
CA ASN C 42 -10.00 -44.19 34.67
C ASN C 42 -8.78 -43.98 35.56
N ASP C 59 -13.72 -55.79 34.36
CA ASP C 59 -13.68 -57.18 34.82
C ASP C 59 -15.02 -57.52 35.43
N LEU C 60 -16.04 -57.51 34.57
CA LEU C 60 -17.39 -57.20 35.01
C LEU C 60 -17.23 -55.92 35.82
N LEU C 61 -17.57 -55.92 37.11
CA LEU C 61 -17.60 -54.65 37.82
C LEU C 61 -16.86 -54.57 39.16
N THR C 62 -16.74 -53.34 39.66
CA THR C 62 -16.27 -53.07 41.01
C THR C 62 -17.25 -52.10 41.68
N ASP C 63 -17.34 -50.91 41.12
CA ASP C 63 -18.27 -49.87 41.57
C ASP C 63 -19.61 -49.90 40.79
N ASN C 64 -20.54 -49.02 41.14
CA ASN C 64 -21.80 -48.93 40.42
C ASN C 64 -21.80 -47.79 39.40
N ARG C 65 -20.65 -47.13 39.25
CA ARG C 65 -20.52 -46.03 38.29
C ARG C 65 -20.51 -46.52 36.85
N TYR C 66 -19.88 -47.66 36.61
CA TYR C 66 -19.94 -48.34 35.33
C TYR C 66 -21.36 -48.42 34.79
N LEU C 67 -22.28 -48.83 35.65
CA LEU C 67 -23.70 -48.93 35.29
C LEU C 67 -24.27 -47.56 34.97
N LEU C 68 -23.87 -46.55 35.73
CA LEU C 68 -24.32 -45.19 35.48
C LEU C 68 -23.79 -44.69 34.15
N LEU C 69 -22.56 -45.08 33.82
CA LEU C 69 -21.87 -44.66 32.61
C LEU C 69 -22.54 -45.17 31.34
N VAL C 70 -22.78 -46.46 31.28
CA VAL C 70 -23.43 -47.07 30.12
C VAL C 70 -24.83 -46.52 29.90
N LEU C 71 -25.51 -46.24 31.00
CA LEU C 71 -26.84 -45.64 30.92
C LEU C 71 -26.76 -44.27 30.27
N MET C 72 -25.76 -43.49 30.67
CA MET C 72 -25.52 -42.19 30.05
C MET C 72 -25.25 -42.34 28.56
N ASP C 73 -24.63 -43.45 28.18
CA ASP C 73 -24.38 -43.73 26.78
C ASP C 73 -25.69 -43.96 26.05
N ALA C 74 -26.58 -44.72 26.68
CA ALA C 74 -27.91 -44.98 26.13
C ALA C 74 -28.76 -43.71 26.19
N GLU C 75 -28.55 -42.89 27.20
CA GLU C 75 -29.28 -41.64 27.34
C GLU C 75 -28.91 -40.63 26.24
N ARG C 76 -27.61 -40.50 25.99
CA ARG C 76 -27.10 -39.58 24.96
C ARG C 76 -27.76 -39.84 23.61
N ALA C 77 -27.59 -41.07 23.14
CA ALA C 77 -28.20 -41.50 21.89
C ALA C 77 -29.70 -41.23 21.89
N TRP C 78 -30.39 -41.69 22.94
CA TRP C 78 -31.84 -41.50 23.05
C TRP C 78 -32.24 -40.03 22.92
N SER C 79 -31.57 -39.15 23.65
CA SER C 79 -31.92 -37.74 23.63
C SER C 79 -31.68 -37.15 22.25
N TYR C 80 -30.60 -37.60 21.61
CA TYR C 80 -30.23 -37.12 20.30
C TYR C 80 -31.34 -37.44 19.32
N ALA C 81 -31.67 -38.73 19.23
CA ALA C 81 -32.74 -39.22 18.38
C ALA C 81 -34.00 -38.38 18.58
N MET C 82 -34.21 -37.95 19.81
CA MET C 82 -35.37 -37.12 20.11
C MET C 82 -35.23 -35.69 19.63
N GLN C 83 -34.02 -35.15 19.70
CA GLN C 83 -33.75 -33.85 19.15
C GLN C 83 -33.97 -33.96 17.66
N LEU C 84 -33.45 -35.04 17.08
CA LEU C 84 -33.58 -35.29 15.66
C LEU C 84 -35.03 -35.32 15.20
N LYS C 85 -35.91 -35.96 15.95
CA LYS C 85 -37.28 -36.03 15.48
C LYS C 85 -37.99 -34.68 15.49
N GLN C 86 -37.56 -33.79 16.37
CA GLN C 86 -38.12 -32.44 16.34
C GLN C 86 -37.64 -31.75 15.08
N GLU C 87 -36.46 -32.17 14.62
CA GLU C 87 -35.85 -31.52 13.46
C GLU C 87 -36.32 -32.16 12.16
N ALA C 88 -36.42 -33.49 12.15
CA ALA C 88 -36.83 -34.24 10.95
C ALA C 88 -38.29 -33.96 10.62
N ASN C 89 -38.94 -33.25 11.55
CA ASN C 89 -40.27 -32.68 11.35
C ASN C 89 -40.35 -31.94 10.00
N THR C 90 -39.21 -31.38 9.60
CA THR C 90 -39.09 -30.66 8.34
C THR C 90 -37.94 -31.17 7.47
N GLU C 91 -37.03 -31.95 8.06
CA GLU C 91 -35.81 -32.36 7.38
C GLU C 91 -35.66 -33.88 7.30
N PRO C 92 -36.51 -34.55 6.50
CA PRO C 92 -36.60 -36.00 6.45
C PRO C 92 -35.28 -36.75 6.30
N ARG C 93 -34.24 -36.08 5.80
CA ARG C 93 -32.92 -36.69 5.76
C ARG C 93 -32.40 -37.01 7.17
N LYS C 94 -32.89 -36.24 8.15
CA LYS C 94 -32.50 -36.45 9.52
C LYS C 94 -33.20 -37.67 10.08
N ARG C 95 -34.40 -37.96 9.60
CA ARG C 95 -35.16 -39.10 10.09
C ARG C 95 -34.36 -40.40 9.96
N PHE C 96 -33.47 -40.43 8.97
CA PHE C 96 -32.59 -41.58 8.76
C PHE C 96 -31.63 -41.70 9.93
N HIS C 97 -31.09 -40.56 10.35
CA HIS C 97 -30.14 -40.49 11.47
C HIS C 97 -30.82 -40.79 12.82
N LEU C 98 -32.01 -40.24 12.99
CA LEU C 98 -32.89 -40.49 14.12
C LEU C 98 -32.93 -41.98 14.40
N LEU C 99 -33.38 -42.74 13.41
CA LEU C 99 -33.46 -44.19 13.52
C LEU C 99 -32.11 -44.84 13.81
N SER C 100 -31.01 -44.19 13.45
CA SER C 100 -29.70 -44.76 13.72
C SER C 100 -29.36 -44.57 15.20
N ARG C 101 -29.51 -43.34 15.68
CA ARG C 101 -29.33 -43.04 17.10
C ARG C 101 -30.18 -43.97 17.95
N LEU C 102 -31.44 -44.10 17.57
CA LEU C 102 -32.35 -44.94 18.34
C LEU C 102 -31.87 -46.38 18.35
N ARG C 103 -31.40 -46.88 17.21
CA ARG C 103 -30.86 -48.24 17.17
C ARG C 103 -29.59 -48.32 18.00
N LYS C 104 -28.87 -47.22 18.10
CA LYS C 104 -27.68 -47.20 18.95
C LYS C 104 -28.06 -47.16 20.41
N ALA C 105 -29.08 -46.36 20.72
CA ALA C 105 -29.59 -46.24 22.08
C ALA C 105 -29.97 -47.60 22.63
N VAL C 106 -30.54 -48.44 21.79
CA VAL C 106 -30.89 -49.79 22.21
C VAL C 106 -29.65 -50.65 22.40
N LYS C 107 -28.66 -50.48 21.53
CA LYS C 107 -27.42 -51.23 21.65
C LYS C 107 -26.76 -51.03 23.02
N HIS C 108 -26.71 -49.78 23.47
CA HIS C 108 -26.16 -49.45 24.77
C HIS C 108 -27.07 -49.90 25.89
N ALA C 109 -28.37 -49.92 25.62
CA ALA C 109 -29.34 -50.41 26.60
C ALA C 109 -29.27 -51.92 26.77
N GLU C 110 -29.07 -52.64 25.67
CA GLU C 110 -28.88 -54.08 25.71
C GLU C 110 -27.59 -54.39 26.46
N GLU C 111 -26.54 -53.67 26.09
CA GLU C 111 -25.23 -53.78 26.71
C GLU C 111 -25.32 -53.48 28.19
N LEU C 112 -26.27 -52.63 28.56
CA LEU C 112 -26.55 -52.31 29.95
C LEU C 112 -27.27 -53.47 30.64
N GLU C 113 -28.34 -53.96 30.01
CA GLU C 113 -29.08 -55.12 30.51
C GLU C 113 -28.14 -56.32 30.57
N ARG C 114 -27.02 -56.23 29.88
CA ARG C 114 -26.00 -57.26 29.91
C ARG C 114 -25.15 -57.15 31.17
N LEU C 115 -24.81 -55.92 31.56
CA LEU C 115 -23.99 -55.70 32.75
C LEU C 115 -24.75 -55.98 34.05
N CYS C 116 -26.04 -55.68 34.08
CA CYS C 116 -26.81 -55.82 35.31
C CYS C 116 -27.27 -57.24 35.62
N GLU C 117 -26.85 -58.18 34.78
CA GLU C 117 -27.14 -59.59 35.02
C GLU C 117 -25.95 -60.26 35.72
N SER C 118 -24.92 -59.47 35.99
CA SER C 118 -23.83 -59.91 36.84
C SER C 118 -24.37 -60.03 38.26
N ASN C 119 -23.91 -61.05 38.95
CA ASN C 119 -24.54 -61.45 40.21
C ASN C 119 -24.11 -60.64 41.43
N ARG C 120 -23.43 -59.52 41.22
CA ARG C 120 -23.17 -58.57 42.30
C ARG C 120 -24.06 -57.33 42.19
N VAL C 121 -25.12 -57.45 41.39
CA VAL C 121 -26.13 -56.40 41.30
C VAL C 121 -27.51 -56.96 41.61
N ASP C 122 -28.24 -56.26 42.47
CA ASP C 122 -29.55 -56.73 42.94
C ASP C 122 -30.58 -56.86 41.82
N ALA C 123 -31.68 -57.55 42.13
CA ALA C 123 -32.70 -57.87 41.14
C ALA C 123 -33.62 -56.70 40.82
N LYS C 124 -33.70 -55.72 41.73
CA LYS C 124 -34.47 -54.50 41.48
C LYS C 124 -33.86 -53.77 40.29
N THR C 125 -32.54 -53.74 40.25
CA THR C 125 -31.82 -53.10 39.17
C THR C 125 -31.93 -53.91 37.88
N LYS C 126 -31.99 -55.23 38.02
CA LYS C 126 -32.23 -56.11 36.89
C LYS C 126 -33.54 -55.73 36.23
N LEU C 127 -34.55 -55.48 37.07
CA LEU C 127 -35.89 -55.11 36.58
C LEU C 127 -35.85 -53.81 35.79
N GLU C 128 -35.24 -52.78 36.38
CA GLU C 128 -35.14 -51.47 35.75
C GLU C 128 -34.51 -51.56 34.36
N ALA C 129 -33.41 -52.30 34.26
CA ALA C 129 -32.66 -52.40 33.02
C ALA C 129 -33.46 -53.06 31.91
N GLN C 130 -34.19 -54.11 32.25
CA GLN C 130 -35.00 -54.80 31.26
C GLN C 130 -36.25 -53.99 30.94
N ALA C 131 -36.62 -53.10 31.85
CA ALA C 131 -37.78 -52.24 31.64
C ALA C 131 -37.40 -51.05 30.78
N TYR C 132 -36.18 -50.57 31.00
CA TYR C 132 -35.58 -49.51 30.21
C TYR C 132 -35.32 -49.99 28.78
N THR C 133 -34.67 -51.14 28.68
CA THR C 133 -34.38 -51.75 27.40
C THR C 133 -35.66 -51.94 26.62
N ALA C 134 -36.73 -52.28 27.33
CA ALA C 134 -38.03 -52.43 26.69
C ALA C 134 -38.58 -51.09 26.21
N TYR C 135 -38.35 -50.05 27.02
CA TYR C 135 -38.84 -48.71 26.68
C TYR C 135 -38.25 -48.26 25.36
N LEU C 136 -36.92 -48.31 25.27
CA LEU C 136 -36.24 -47.91 24.05
C LEU C 136 -36.59 -48.81 22.88
N SER C 137 -36.54 -50.12 23.10
CA SER C 137 -36.96 -51.10 22.12
C SER C 137 -38.35 -50.76 21.59
N GLY C 138 -39.23 -50.39 22.51
CA GLY C 138 -40.55 -49.92 22.15
C GLY C 138 -40.44 -48.71 21.24
N MET C 139 -39.54 -47.79 21.57
CA MET C 139 -39.41 -46.58 20.80
C MET C 139 -38.90 -46.82 19.39
N LEU C 140 -37.88 -47.67 19.24
CA LEU C 140 -37.32 -47.93 17.91
C LEU C 140 -38.39 -48.51 16.99
N ARG C 141 -38.98 -49.60 17.44
CA ARG C 141 -40.01 -50.27 16.67
C ARG C 141 -41.19 -49.35 16.39
N PHE C 142 -41.47 -48.43 17.30
CA PHE C 142 -42.57 -47.49 17.12
C PHE C 142 -42.22 -46.47 16.06
N GLU C 143 -40.94 -46.20 15.89
CA GLU C 143 -40.52 -45.26 14.86
C GLU C 143 -40.41 -45.94 13.49
N HIS C 144 -40.03 -47.21 13.49
CA HIS C 144 -40.07 -48.03 12.28
C HIS C 144 -41.50 -48.36 11.91
N GLN C 145 -42.42 -47.98 12.80
CA GLN C 145 -43.86 -48.20 12.62
C GLN C 145 -44.20 -49.68 12.59
N GLU C 146 -43.38 -50.48 13.29
CA GLU C 146 -43.60 -51.90 13.47
C GLU C 146 -44.58 -52.16 14.63
N TRP C 147 -45.85 -51.92 14.36
CA TRP C 147 -46.86 -51.77 15.42
C TRP C 147 -47.04 -52.96 16.37
N LYS C 148 -46.87 -54.18 15.88
CA LYS C 148 -47.03 -55.33 16.76
C LYS C 148 -45.80 -55.54 17.63
N ALA C 149 -44.63 -55.49 17.00
CA ALA C 149 -43.37 -55.61 17.71
C ALA C 149 -43.22 -54.48 18.73
N ALA C 150 -43.61 -53.28 18.33
CA ALA C 150 -43.53 -52.11 19.20
C ALA C 150 -44.47 -52.25 20.40
N ILE C 151 -45.70 -52.70 20.15
CA ILE C 151 -46.67 -52.83 21.22
C ILE C 151 -46.28 -53.96 22.19
N GLU C 152 -45.59 -54.98 21.66
CA GLU C 152 -45.05 -56.05 22.50
C GLU C 152 -44.10 -55.42 23.51
N ALA C 153 -43.21 -54.58 23.01
CA ALA C 153 -42.21 -53.93 23.84
C ALA C 153 -42.83 -52.96 24.82
N PHE C 154 -43.89 -52.29 24.39
CA PHE C 154 -44.56 -51.32 25.26
C PHE C 154 -45.33 -52.00 26.39
N ASN C 155 -45.90 -53.17 26.12
CA ASN C 155 -46.57 -53.94 27.15
C ASN C 155 -45.57 -54.62 28.08
N LYS C 156 -44.51 -55.16 27.50
CA LYS C 156 -43.41 -55.71 28.27
C LYS C 156 -42.92 -54.67 29.26
N CYS C 157 -42.70 -53.45 28.75
CA CYS C 157 -42.32 -52.32 29.59
C CYS C 157 -43.37 -52.03 30.64
N LYS C 158 -44.64 -52.02 30.24
CA LYS C 158 -45.74 -51.73 31.16
C LYS C 158 -45.84 -52.80 32.23
N THR C 159 -45.66 -54.05 31.83
CA THR C 159 -45.78 -55.19 32.74
C THR C 159 -44.72 -55.14 33.83
N ILE C 160 -43.47 -54.91 33.42
CA ILE C 160 -42.36 -54.86 34.37
C ILE C 160 -42.45 -53.68 35.32
N TYR C 161 -42.84 -52.51 34.80
CA TYR C 161 -43.01 -51.31 35.62
C TYR C 161 -44.13 -51.48 36.63
N GLU C 162 -45.16 -52.24 36.25
CA GLU C 162 -46.26 -52.54 37.17
C GLU C 162 -45.79 -53.50 38.28
N LYS C 163 -44.89 -54.40 37.91
CA LYS C 163 -44.29 -55.34 38.85
C LYS C 163 -43.45 -54.61 39.88
N LEU C 164 -42.71 -53.61 39.43
CA LEU C 164 -41.89 -52.80 40.33
C LEU C 164 -42.76 -51.98 41.29
N ALA C 165 -43.89 -51.51 40.79
CA ALA C 165 -44.75 -50.58 41.53
C ALA C 165 -45.47 -51.26 42.69
N SER C 166 -45.82 -52.52 42.53
CA SER C 166 -46.54 -53.24 43.58
C SER C 166 -45.66 -53.53 44.79
N ALA C 167 -44.37 -53.78 44.55
CA ALA C 167 -43.44 -54.17 45.59
C ALA C 167 -43.02 -53.01 46.49
N PHE C 168 -43.51 -51.81 46.18
CA PHE C 168 -43.22 -50.63 46.97
C PHE C 168 -44.52 -49.96 47.41
N THR C 169 -44.42 -49.04 48.36
CA THR C 169 -45.58 -48.28 48.82
C THR C 169 -46.10 -47.46 47.65
N GLU C 170 -47.30 -46.90 47.80
CA GLU C 170 -47.89 -46.09 46.75
C GLU C 170 -47.06 -44.85 46.44
N GLU C 171 -46.38 -44.33 47.45
CA GLU C 171 -45.51 -43.17 47.27
C GLU C 171 -44.32 -43.48 46.38
N GLN C 172 -43.63 -44.58 46.66
CA GLN C 172 -42.52 -45.01 45.83
C GLN C 172 -43.00 -45.38 44.44
N ALA C 173 -44.23 -45.89 44.36
CA ALA C 173 -44.78 -46.38 43.10
C ALA C 173 -45.31 -45.27 42.20
N VAL C 174 -45.36 -44.05 42.73
CA VAL C 174 -45.86 -42.90 41.97
C VAL C 174 -45.09 -42.72 40.67
N LEU C 175 -43.77 -42.76 40.78
CA LEU C 175 -42.89 -42.58 39.63
C LEU C 175 -43.17 -43.62 38.56
N TYR C 176 -43.23 -44.88 38.98
CA TYR C 176 -43.52 -45.98 38.07
C TYR C 176 -44.87 -45.78 37.38
N ASN C 177 -45.87 -45.38 38.16
CA ASN C 177 -47.22 -45.21 37.65
C ASN C 177 -47.34 -44.09 36.60
N GLN C 178 -46.61 -43.00 36.83
CA GLN C 178 -46.66 -41.88 35.90
C GLN C 178 -45.93 -42.22 34.60
N ARG C 179 -45.01 -43.17 34.67
CA ARG C 179 -44.27 -43.62 33.50
C ARG C 179 -45.12 -44.53 32.63
N VAL C 180 -45.95 -45.35 33.26
CA VAL C 180 -46.89 -46.18 32.52
C VAL C 180 -48.02 -45.31 31.98
N GLU C 181 -48.37 -44.27 32.73
CA GLU C 181 -49.29 -43.25 32.22
C GLU C 181 -48.65 -42.59 31.02
N GLU C 182 -47.34 -42.42 31.12
CA GLU C 182 -46.55 -41.73 30.10
C GLU C 182 -46.51 -42.51 28.78
N ILE C 183 -46.37 -43.82 28.86
CA ILE C 183 -46.27 -44.62 27.64
C ILE C 183 -47.61 -45.15 27.14
N SER C 184 -48.66 -44.94 27.93
CA SER C 184 -50.00 -45.38 27.55
C SER C 184 -50.54 -44.77 26.24
N PRO C 185 -50.22 -43.49 25.96
CA PRO C 185 -50.58 -42.97 24.63
C PRO C 185 -49.92 -43.74 23.49
N ASN C 186 -48.64 -44.06 23.68
CA ASN C 186 -47.90 -44.84 22.70
C ASN C 186 -48.53 -46.20 22.46
N ILE C 187 -48.90 -46.87 23.55
CA ILE C 187 -49.58 -48.16 23.47
C ILE C 187 -50.87 -48.04 22.65
N ARG C 188 -51.59 -46.94 22.87
CA ARG C 188 -52.87 -46.70 22.21
C ARG C 188 -52.73 -46.55 20.69
N TYR C 189 -51.69 -45.86 20.27
CA TYR C 189 -51.46 -45.58 18.87
C TYR C 189 -51.22 -46.87 18.08
N CYS C 190 -50.37 -47.72 18.62
CA CYS C 190 -50.03 -49.00 17.99
C CYS C 190 -51.28 -49.81 17.74
N ALA C 191 -52.18 -49.82 18.72
CA ALA C 191 -53.39 -50.62 18.67
C ALA C 191 -54.25 -50.29 17.46
N TYR C 192 -54.52 -48.99 17.25
CA TYR C 192 -55.41 -48.56 16.18
C TYR C 192 -54.84 -48.78 14.77
N ASN C 193 -53.61 -49.26 14.71
CA ASN C 193 -53.01 -49.63 13.43
C ASN C 193 -53.02 -51.13 13.17
N ILE C 194 -53.26 -51.93 14.21
CA ILE C 194 -53.37 -53.37 14.05
C ILE C 194 -54.83 -53.81 14.14
N GLY C 195 -55.73 -52.84 14.10
CA GLY C 195 -57.15 -53.10 14.23
C GLY C 195 -57.71 -53.99 13.13
N MET D 1 9.76 21.12 -57.35
CA MET D 1 8.67 20.20 -57.59
C MET D 1 7.85 20.05 -56.29
N VAL D 2 7.41 18.81 -56.01
CA VAL D 2 6.44 18.59 -54.93
C VAL D 2 7.11 19.05 -53.61
N LEU D 3 6.39 18.70 -52.51
CA LEU D 3 6.96 19.02 -51.19
C LEU D 3 8.36 18.47 -51.05
N ALA D 4 8.64 17.28 -51.63
CA ALA D 4 9.91 16.64 -51.31
C ALA D 4 11.00 17.07 -52.30
N ASP D 5 10.56 17.39 -53.52
CA ASP D 5 11.57 17.62 -54.60
C ASP D 5 12.01 19.10 -54.62
N LEU D 6 11.03 20.02 -54.55
CA LEU D 6 11.35 21.44 -54.34
C LEU D 6 12.03 21.62 -52.97
N GLY D 7 11.50 20.91 -51.98
CA GLY D 7 12.18 20.87 -50.67
C GLY D 7 13.64 20.52 -50.77
N ARG D 8 14.02 19.53 -51.56
CA ARG D 8 15.41 19.12 -51.62
C ARG D 8 16.25 20.07 -52.45
N LYS D 9 15.68 20.47 -53.58
CA LYS D 9 16.37 21.42 -54.45
C LYS D 9 16.55 22.76 -53.75
N ILE D 10 15.49 23.22 -53.10
CA ILE D 10 15.55 24.45 -52.31
C ILE D 10 16.49 24.27 -51.12
N THR D 11 16.37 23.10 -50.48
CA THR D 11 17.21 22.79 -49.34
C THR D 11 18.67 22.73 -49.75
N SER D 12 18.92 22.12 -50.91
CA SER D 12 20.27 22.01 -51.44
C SER D 12 20.83 23.40 -51.72
N ALA D 13 19.98 24.25 -52.28
CA ALA D 13 20.41 25.61 -52.60
C ALA D 13 20.78 26.36 -51.32
N LEU D 14 19.98 26.17 -50.28
CA LEU D 14 20.23 26.79 -48.99
C LEU D 14 21.53 26.30 -48.37
N ARG D 15 21.78 25.00 -48.51
CA ARG D 15 22.89 24.34 -47.83
C ARG D 15 24.27 24.85 -48.26
N SER D 16 24.45 25.10 -49.55
CA SER D 16 25.77 25.45 -50.05
C SER D 16 26.23 26.71 -49.34
N LEU D 17 25.28 27.61 -49.08
CA LEU D 17 25.59 28.88 -48.44
C LEU D 17 26.18 28.69 -47.03
N SER D 18 25.65 27.73 -46.26
CA SER D 18 26.16 27.54 -44.91
C SER D 18 27.65 27.25 -44.91
N ASN D 19 28.08 26.40 -45.84
CA ASN D 19 29.50 26.16 -46.02
C ASN D 19 30.10 27.19 -46.97
N ALA D 20 30.25 28.42 -46.49
CA ALA D 20 30.75 29.50 -47.34
C ALA D 20 32.01 30.12 -46.77
N THR D 21 33.11 30.04 -47.51
CA THR D 21 34.39 30.61 -47.08
C THR D 21 34.42 32.14 -47.26
N ILE D 22 33.68 32.64 -48.26
CA ILE D 22 33.27 34.06 -48.19
C ILE D 22 32.07 34.27 -49.10
N ILE D 23 31.15 35.15 -48.70
CA ILE D 23 29.93 35.33 -49.44
C ILE D 23 29.96 36.60 -50.31
N ASN D 24 29.80 36.35 -51.62
CA ASN D 24 30.04 37.37 -52.63
C ASN D 24 28.95 37.39 -53.66
N GLU D 25 28.81 38.52 -54.39
CA GLU D 25 27.82 38.65 -55.43
C GLU D 25 27.72 37.39 -56.29
N GLU D 26 28.86 36.89 -56.79
CA GLU D 26 28.89 35.66 -57.56
C GLU D 26 28.16 34.50 -56.89
N VAL D 27 28.68 34.02 -55.73
CA VAL D 27 27.96 33.05 -54.97
C VAL D 27 26.46 33.34 -54.82
N LEU D 28 26.10 34.55 -54.40
CA LEU D 28 24.73 35.04 -54.46
C LEU D 28 24.01 34.64 -55.74
N ASN D 29 24.63 35.00 -56.90
CA ASN D 29 23.92 34.88 -58.15
C ASN D 29 23.71 33.46 -58.58
N ALA D 30 24.56 32.57 -58.04
CA ALA D 30 24.43 31.15 -58.39
C ALA D 30 23.51 30.42 -57.46
N MET D 31 23.61 30.76 -56.16
CA MET D 31 22.60 30.26 -55.21
C MET D 31 21.20 30.76 -55.61
N LEU D 32 21.16 31.94 -56.24
CA LEU D 32 19.84 32.48 -56.59
C LEU D 32 19.40 31.91 -57.94
N LYS D 33 20.38 31.36 -58.68
CA LYS D 33 20.04 30.69 -59.96
C LYS D 33 19.56 29.27 -59.70
N GLU D 34 19.98 28.68 -58.56
CA GLU D 34 19.54 27.32 -58.18
C GLU D 34 18.16 27.34 -57.60
N VAL D 35 17.79 28.41 -56.89
CA VAL D 35 16.45 28.53 -56.36
C VAL D 35 15.52 29.10 -57.42
N CYS D 36 16.09 29.71 -58.45
CA CYS D 36 15.27 30.03 -59.66
C CYS D 36 14.85 28.77 -60.37
N THR D 37 15.79 27.91 -60.66
CA THR D 37 15.51 26.65 -61.34
C THR D 37 14.63 25.70 -60.57
N ALA D 38 14.64 25.90 -59.22
CA ALA D 38 13.90 25.00 -58.34
C ALA D 38 12.40 25.36 -58.48
N LEU D 39 12.05 26.61 -58.32
CA LEU D 39 10.64 27.02 -58.40
C LEU D 39 10.09 26.68 -59.76
N LEU D 40 10.87 26.73 -60.82
CA LEU D 40 10.31 26.54 -62.18
C LEU D 40 9.90 25.06 -62.40
N GLU D 41 10.61 24.14 -61.75
CA GLU D 41 10.22 22.73 -61.84
C GLU D 41 8.98 22.47 -61.00
N ALA D 42 8.73 23.24 -59.97
CA ALA D 42 7.45 23.18 -59.28
C ALA D 42 6.36 23.93 -59.99
N ASP D 43 6.64 24.49 -61.16
CA ASP D 43 5.61 25.16 -61.96
C ASP D 43 5.17 26.47 -61.37
N VAL D 44 6.05 27.13 -60.63
CA VAL D 44 5.69 28.51 -60.18
C VAL D 44 5.91 29.51 -61.32
N ASN D 45 4.88 30.29 -61.64
CA ASN D 45 4.84 31.06 -62.87
C ASN D 45 6.09 31.96 -62.94
N ILE D 46 6.67 32.00 -64.14
CA ILE D 46 8.07 32.47 -64.29
C ILE D 46 8.16 33.98 -64.13
N LYS D 47 7.04 34.69 -64.35
CA LYS D 47 6.99 36.12 -63.99
C LYS D 47 7.01 36.28 -62.46
N LEU D 48 6.24 35.40 -61.79
CA LEU D 48 6.34 35.29 -60.36
C LEU D 48 7.72 34.99 -59.83
N VAL D 49 8.45 34.14 -60.52
CA VAL D 49 9.83 33.85 -60.06
C VAL D 49 10.73 35.06 -60.23
N LYS D 50 10.74 35.58 -61.48
CA LYS D 50 11.50 36.79 -61.77
C LYS D 50 11.37 37.86 -60.72
N GLN D 51 10.11 38.31 -60.51
CA GLN D 51 9.84 39.32 -59.51
C GLN D 51 10.44 38.97 -58.16
N LEU D 52 10.23 37.75 -57.73
CA LEU D 52 10.68 37.33 -56.40
C LEU D 52 12.21 37.24 -56.30
N ARG D 53 12.84 36.90 -57.42
CA ARG D 53 14.32 36.82 -57.42
C ARG D 53 14.94 38.18 -57.21
N GLU D 54 14.59 39.16 -58.05
CA GLU D 54 15.15 40.51 -57.92
C GLU D 54 14.73 41.17 -56.60
N ASN D 55 13.69 40.66 -56.00
CA ASN D 55 13.37 41.06 -54.61
C ASN D 55 14.41 40.53 -53.61
N VAL D 56 14.65 39.19 -53.65
CA VAL D 56 15.72 38.64 -52.88
C VAL D 56 17.11 39.19 -53.19
N LYS D 57 17.49 39.16 -54.48
CA LYS D 57 18.79 39.73 -54.91
C LYS D 57 19.00 41.15 -54.38
N SER D 58 17.95 41.98 -54.42
CA SER D 58 18.12 43.39 -53.97
C SER D 58 18.26 43.46 -52.45
N ALA D 59 17.31 42.77 -51.78
CA ALA D 59 17.44 42.56 -50.34
C ALA D 59 18.80 42.01 -49.96
N ILE D 60 19.39 41.14 -50.81
CA ILE D 60 20.55 40.38 -50.41
C ILE D 60 21.87 40.98 -50.86
N ASP D 61 21.78 41.97 -51.79
CA ASP D 61 22.95 42.72 -52.17
C ASP D 61 22.93 44.18 -51.77
N LEU D 62 21.84 44.90 -52.10
CA LEU D 62 21.97 46.37 -52.06
C LEU D 62 21.81 46.82 -50.60
N GLU D 63 20.86 46.21 -49.91
CA GLU D 63 20.62 46.58 -48.54
C GLU D 63 21.24 45.63 -47.57
N GLU D 64 22.56 45.39 -47.67
CA GLU D 64 23.13 44.24 -46.93
C GLU D 64 23.26 44.55 -45.44
N MET D 65 22.13 44.49 -44.75
CA MET D 65 22.03 44.86 -43.36
C MET D 65 21.92 43.69 -42.43
N ALA D 66 23.03 43.05 -42.09
CA ALA D 66 23.06 41.97 -41.08
C ALA D 66 23.47 42.55 -39.72
N SER D 67 22.47 43.03 -38.98
CA SER D 67 22.66 43.61 -37.65
C SER D 67 22.69 42.45 -36.62
N GLY D 68 23.93 42.01 -36.29
CA GLY D 68 24.07 40.98 -35.28
C GLY D 68 23.69 39.61 -35.90
N LEU D 69 23.49 39.58 -37.20
CA LEU D 69 23.32 38.30 -37.90
C LEU D 69 24.49 38.05 -38.87
N ASN D 70 24.89 36.79 -39.00
CA ASN D 70 25.91 36.47 -40.03
C ASN D 70 25.38 36.73 -41.43
N LYS D 71 26.31 36.99 -42.35
CA LYS D 71 25.93 37.20 -43.74
C LYS D 71 25.06 36.03 -44.25
N ARG D 72 25.53 34.83 -43.91
CA ARG D 72 24.74 33.65 -44.28
C ARG D 72 23.35 33.63 -43.73
N LYS D 73 23.16 33.82 -42.42
CA LYS D 73 21.82 33.81 -41.82
C LYS D 73 20.95 34.89 -42.43
N MET D 74 21.54 36.02 -42.78
CA MET D 74 20.72 37.14 -43.29
C MET D 74 20.40 37.01 -44.78
N ILE D 75 21.20 36.10 -45.39
CA ILE D 75 20.83 35.52 -46.70
C ILE D 75 19.69 34.50 -46.54
N GLN D 76 19.90 33.50 -45.68
CA GLN D 76 18.81 32.55 -45.40
C GLN D 76 17.55 33.33 -45.06
N HIS D 77 17.65 34.32 -44.19
CA HIS D 77 16.42 35.09 -43.86
C HIS D 77 15.74 35.68 -45.05
N ALA D 78 16.54 36.26 -45.95
CA ALA D 78 15.94 36.73 -47.22
C ALA D 78 15.22 35.58 -47.89
N VAL D 79 15.96 34.56 -48.34
CA VAL D 79 15.34 33.48 -49.15
C VAL D 79 14.19 32.82 -48.41
N PHE D 80 14.23 32.84 -47.06
CA PHE D 80 13.03 32.42 -46.34
C PHE D 80 11.92 33.42 -46.56
N LYS D 81 12.07 34.67 -46.08
CA LYS D 81 10.90 35.51 -45.89
C LYS D 81 10.19 35.80 -47.23
N GLU D 82 10.90 35.67 -48.32
CA GLU D 82 10.30 35.97 -49.63
C GLU D 82 9.40 34.83 -50.09
N LEU D 83 9.71 33.60 -49.72
CA LEU D 83 8.84 32.47 -50.12
C LEU D 83 7.50 32.48 -49.41
N VAL D 84 7.51 33.11 -48.23
CA VAL D 84 6.25 33.14 -47.45
C VAL D 84 5.34 34.19 -48.03
N LYS D 85 5.91 35.25 -48.62
CA LYS D 85 5.17 36.10 -49.58
C LYS D 85 4.74 35.31 -50.79
N LEU D 86 5.66 34.58 -51.44
CA LEU D 86 5.32 33.92 -52.71
C LEU D 86 4.07 33.01 -52.53
N VAL D 87 3.95 32.43 -51.33
CA VAL D 87 2.72 31.70 -50.98
C VAL D 87 1.95 32.46 -49.95
N ASP D 88 1.58 33.71 -50.29
CA ASP D 88 0.65 34.47 -49.47
C ASP D 88 1.25 34.79 -48.13
N PRO D 89 1.38 36.09 -47.81
CA PRO D 89 2.05 36.56 -46.63
C PRO D 89 1.77 35.71 -45.38
N GLY D 90 0.50 35.47 -45.09
CA GLY D 90 0.19 35.03 -43.71
C GLY D 90 -1.01 34.05 -43.75
N VAL D 91 -1.43 33.67 -42.55
CA VAL D 91 -2.48 32.63 -42.49
C VAL D 91 -3.85 33.25 -42.45
N LYS D 92 -4.79 32.62 -43.19
CA LYS D 92 -6.10 33.28 -43.41
C LYS D 92 -7.19 32.51 -42.63
N ALA D 93 -7.47 33.02 -41.41
CA ALA D 93 -8.28 32.18 -40.49
C ALA D 93 -9.67 31.99 -41.15
N TRP D 94 -10.25 30.82 -40.98
CA TRP D 94 -11.72 30.72 -41.09
C TRP D 94 -12.42 31.26 -39.86
N THR D 95 -13.48 32.07 -40.11
CA THR D 95 -14.13 32.71 -38.95
C THR D 95 -15.19 31.79 -38.39
N PRO D 96 -15.07 31.44 -37.12
CA PRO D 96 -16.17 30.84 -36.39
C PRO D 96 -17.28 31.82 -36.04
N THR D 97 -18.41 31.28 -35.59
CA THR D 97 -19.63 32.11 -35.50
C THR D 97 -20.08 32.17 -34.05
N LYS D 98 -20.71 33.26 -33.62
CA LYS D 98 -21.25 33.28 -32.26
C LYS D 98 -22.79 33.48 -32.32
N GLY D 99 -23.47 32.75 -31.41
CA GLY D 99 -24.86 32.38 -31.65
C GLY D 99 -24.94 31.04 -32.34
N LYS D 100 -25.67 30.99 -33.48
CA LYS D 100 -25.86 29.70 -34.13
C LYS D 100 -26.20 29.79 -35.60
N GLN D 101 -25.12 29.99 -36.41
CA GLN D 101 -25.37 30.17 -37.87
C GLN D 101 -24.00 30.36 -38.58
N ASN D 102 -23.60 29.35 -39.36
CA ASN D 102 -22.52 29.57 -40.35
C ASN D 102 -22.80 28.75 -41.61
N VAL D 103 -23.09 29.50 -42.69
CA VAL D 103 -23.44 28.80 -43.94
C VAL D 103 -22.29 28.78 -44.91
N ILE D 104 -21.79 27.56 -45.19
CA ILE D 104 -20.57 27.45 -46.01
C ILE D 104 -20.82 26.62 -47.27
N MET D 105 -20.42 27.16 -48.41
CA MET D 105 -20.82 26.59 -49.68
C MET D 105 -19.60 26.12 -50.47
N PHE D 106 -19.57 24.80 -50.73
CA PHE D 106 -18.45 24.21 -51.43
C PHE D 106 -18.64 24.23 -52.93
N VAL D 107 -17.56 24.62 -53.64
CA VAL D 107 -17.61 24.41 -55.11
C VAL D 107 -16.27 23.82 -55.56
N GLY D 108 -16.28 23.20 -56.74
CA GLY D 108 -15.27 22.17 -57.06
C GLY D 108 -15.55 21.49 -58.39
N LEU D 109 -14.55 21.58 -59.28
CA LEU D 109 -14.58 20.75 -60.50
C LEU D 109 -14.44 19.27 -60.19
N GLN D 110 -15.24 18.44 -60.86
CA GLN D 110 -15.06 16.99 -60.78
C GLN D 110 -13.63 16.64 -61.13
N GLY D 111 -12.92 16.06 -60.17
CA GLY D 111 -11.49 15.76 -60.42
C GLY D 111 -10.64 16.20 -59.22
N SER D 112 -10.80 17.48 -58.84
CA SER D 112 -10.44 17.87 -57.45
C SER D 112 -11.19 16.99 -56.44
N GLY D 113 -10.72 17.05 -55.21
CA GLY D 113 -11.31 16.14 -54.19
C GLY D 113 -12.24 16.92 -53.29
N LYS D 114 -13.06 17.76 -53.93
CA LYS D 114 -14.20 18.38 -53.24
C LYS D 114 -14.89 17.37 -52.34
N THR D 115 -15.30 16.21 -52.92
CA THR D 115 -16.09 15.28 -52.17
C THR D 115 -15.38 14.81 -50.90
N THR D 116 -14.05 14.61 -51.03
CA THR D 116 -13.33 14.15 -49.84
C THR D 116 -13.04 15.33 -48.92
N THR D 117 -13.10 16.56 -49.48
CA THR D 117 -12.64 17.70 -48.69
C THR D 117 -13.81 18.29 -47.87
N CYS D 118 -15.04 17.95 -48.37
CA CYS D 118 -16.25 18.26 -47.58
C CYS D 118 -16.20 17.60 -46.18
N SER D 119 -15.89 16.32 -46.18
CA SER D 119 -15.94 15.51 -44.96
C SER D 119 -14.73 15.84 -44.08
N LYS D 120 -13.66 16.27 -44.75
CA LYS D 120 -12.43 16.71 -44.06
C LYS D 120 -12.62 18.10 -43.44
N LEU D 121 -13.46 18.94 -44.02
CA LEU D 121 -13.87 20.17 -43.36
C LEU D 121 -14.92 19.92 -42.28
N ALA D 122 -15.74 18.88 -42.42
CA ALA D 122 -16.50 18.38 -41.28
C ALA D 122 -15.58 17.97 -40.14
N TYR D 123 -14.50 17.24 -40.44
CA TYR D 123 -13.63 16.75 -39.34
C TYR D 123 -13.04 17.96 -38.57
N TYR D 124 -12.63 18.99 -39.31
CA TYR D 124 -12.03 20.15 -38.70
C TYR D 124 -12.95 20.79 -37.65
N TYR D 125 -14.23 20.90 -37.99
CA TYR D 125 -15.12 21.73 -37.17
C TYR D 125 -15.55 20.94 -35.91
N GLN D 126 -15.31 19.65 -35.90
CA GLN D 126 -15.40 18.90 -34.64
C GLN D 126 -14.09 19.01 -33.86
N ARG D 127 -12.99 19.33 -34.57
CA ARG D 127 -11.72 19.60 -33.87
C ARG D 127 -11.80 21.03 -33.30
N LYS D 128 -12.33 21.93 -34.08
CA LYS D 128 -12.47 23.33 -33.59
C LYS D 128 -13.50 23.43 -32.48
N GLY D 129 -14.54 22.58 -32.53
CA GLY D 129 -15.36 22.41 -31.35
C GLY D 129 -16.81 22.77 -31.54
N TRP D 130 -17.23 22.74 -32.82
CA TRP D 130 -18.62 22.95 -33.17
C TRP D 130 -19.30 21.69 -33.76
N LYS D 131 -20.63 21.81 -33.90
CA LYS D 131 -21.34 20.74 -34.64
C LYS D 131 -21.56 21.09 -36.10
N THR D 132 -21.28 20.19 -37.01
CA THR D 132 -21.43 20.55 -38.44
C THR D 132 -22.24 19.42 -39.14
N CYS D 133 -23.19 19.87 -39.99
CA CYS D 133 -24.01 18.90 -40.72
C CYS D 133 -23.69 18.91 -42.20
N LEU D 134 -24.02 17.87 -42.93
CA LEU D 134 -23.68 17.88 -44.37
C LEU D 134 -24.96 17.97 -45.19
N ILE D 135 -25.15 19.08 -45.92
CA ILE D 135 -26.17 19.06 -46.98
C ILE D 135 -25.58 18.64 -48.30
N CYS D 136 -26.06 17.52 -48.87
CA CYS D 136 -25.40 16.97 -50.03
C CYS D 136 -26.20 17.36 -51.31
N ALA D 137 -25.97 18.61 -51.73
CA ALA D 137 -26.87 19.31 -52.66
C ALA D 137 -26.57 18.83 -54.08
N ASP D 138 -25.30 18.43 -54.33
CA ASP D 138 -25.02 17.60 -55.52
C ASP D 138 -25.94 16.35 -55.55
N THR D 139 -26.61 16.19 -56.69
CA THR D 139 -27.81 15.35 -56.81
C THR D 139 -27.53 14.19 -57.73
N PHE D 140 -26.96 14.44 -58.92
CA PHE D 140 -26.95 13.38 -59.93
C PHE D 140 -25.98 12.26 -59.46
N ARG D 141 -24.75 12.74 -59.19
CA ARG D 141 -23.72 11.83 -58.77
C ARG D 141 -24.01 11.07 -57.52
N ALA D 142 -24.22 9.75 -57.60
CA ALA D 142 -24.68 8.98 -56.47
C ALA D 142 -23.54 8.14 -55.87
N GLY D 143 -22.41 8.08 -56.56
CA GLY D 143 -21.13 7.75 -55.92
C GLY D 143 -20.65 8.85 -55.01
N ALA D 144 -20.97 10.13 -55.34
CA ALA D 144 -20.64 11.19 -54.38
C ALA D 144 -21.38 10.96 -53.05
N PHE D 145 -22.64 10.62 -53.16
CA PHE D 145 -23.41 10.31 -51.93
C PHE D 145 -22.76 9.15 -51.23
N ASP D 146 -22.37 8.14 -51.99
CA ASP D 146 -21.96 6.87 -51.36
C ASP D 146 -20.80 7.08 -50.42
N GLN D 147 -19.74 7.71 -50.97
CA GLN D 147 -18.52 7.91 -50.17
C GLN D 147 -18.78 8.88 -49.04
N LEU D 148 -19.53 9.93 -49.35
CA LEU D 148 -19.71 11.03 -48.37
C LEU D 148 -20.55 10.57 -47.17
N LYS D 149 -21.52 9.68 -47.42
CA LYS D 149 -22.25 9.12 -46.25
C LYS D 149 -21.35 8.18 -45.45
N GLN D 150 -20.56 7.35 -46.17
CA GLN D 150 -19.58 6.47 -45.53
C GLN D 150 -18.60 7.22 -44.67
N ASN D 151 -18.07 8.36 -45.18
CA ASN D 151 -17.22 9.22 -44.41
C ASN D 151 -17.94 9.83 -43.17
N ALA D 152 -19.24 10.03 -43.27
CA ALA D 152 -19.99 10.60 -42.18
C ALA D 152 -20.37 9.64 -41.08
N THR D 153 -20.40 8.33 -41.40
CA THR D 153 -20.80 7.36 -40.40
C THR D 153 -19.61 6.86 -39.59
N LYS D 154 -18.41 7.15 -40.12
CA LYS D 154 -17.19 6.82 -39.44
C LYS D 154 -16.85 7.76 -38.29
N ALA D 155 -16.91 9.05 -38.62
CA ALA D 155 -17.03 10.12 -37.61
C ALA D 155 -18.50 10.31 -37.28
N ARG D 156 -18.81 11.38 -36.52
CA ARG D 156 -20.17 11.52 -35.99
C ARG D 156 -20.87 12.75 -36.57
N ILE D 157 -21.40 12.65 -37.77
CA ILE D 157 -21.94 13.88 -38.41
C ILE D 157 -23.16 13.55 -39.30
N PRO D 158 -24.25 14.24 -39.00
CA PRO D 158 -25.49 14.07 -39.71
C PRO D 158 -25.38 14.50 -41.17
N PHE D 159 -25.86 13.64 -42.04
CA PHE D 159 -25.72 13.86 -43.50
C PHE D 159 -27.11 13.71 -44.14
N TYR D 160 -27.42 14.67 -45.01
CA TYR D 160 -28.80 14.73 -45.52
C TYR D 160 -28.88 14.96 -47.00
N GLY D 161 -29.41 13.99 -47.73
CA GLY D 161 -29.50 14.13 -49.20
C GLY D 161 -30.53 13.13 -49.71
N SER D 162 -30.50 11.93 -49.13
CA SER D 162 -31.57 10.97 -49.41
C SER D 162 -31.68 10.62 -50.88
N TYR D 163 -32.77 9.86 -51.19
CA TYR D 163 -32.90 9.32 -52.53
C TYR D 163 -33.56 10.38 -53.45
N THR D 164 -33.25 10.27 -54.75
CA THR D 164 -33.46 11.42 -55.62
C THR D 164 -34.91 11.81 -55.76
N GLU D 165 -35.45 12.62 -54.83
CA GLU D 165 -36.84 13.03 -54.93
C GLU D 165 -36.96 14.43 -55.59
N MET D 166 -36.00 15.29 -55.32
CA MET D 166 -36.29 16.74 -55.47
C MET D 166 -35.10 17.41 -56.10
N ASP D 167 -35.28 18.66 -56.62
CA ASP D 167 -34.17 19.35 -57.25
C ASP D 167 -33.19 19.89 -56.18
N PRO D 168 -31.95 20.20 -56.63
CA PRO D 168 -30.98 20.72 -55.72
C PRO D 168 -31.41 21.87 -54.87
N VAL D 169 -31.96 22.92 -55.46
CA VAL D 169 -32.25 24.14 -54.72
C VAL D 169 -33.19 23.88 -53.53
N ILE D 170 -34.11 22.91 -53.74
CA ILE D 170 -35.12 22.57 -52.77
C ILE D 170 -34.66 21.56 -51.74
N ILE D 171 -33.67 20.71 -52.11
CA ILE D 171 -33.08 19.78 -51.11
C ILE D 171 -31.94 20.45 -50.37
N ALA D 172 -31.45 21.61 -50.85
CA ALA D 172 -30.68 22.50 -49.96
C ALA D 172 -31.64 23.14 -48.95
N SER D 173 -32.61 23.91 -49.42
CA SER D 173 -33.51 24.64 -48.56
C SER D 173 -34.14 23.74 -47.52
N GLU D 174 -34.41 22.48 -47.86
CA GLU D 174 -35.04 21.56 -46.89
C GLU D 174 -33.98 20.93 -46.02
N GLY D 175 -32.74 20.85 -46.54
CA GLY D 175 -31.63 20.42 -45.69
C GLY D 175 -31.29 21.42 -44.59
N VAL D 176 -31.47 22.71 -44.91
CA VAL D 176 -31.04 23.73 -43.93
C VAL D 176 -32.07 23.74 -42.78
N GLU D 177 -33.35 23.67 -43.17
CA GLU D 177 -34.43 23.59 -42.20
C GLU D 177 -34.35 22.31 -41.42
N LYS D 178 -33.89 21.20 -42.05
CA LYS D 178 -33.86 19.93 -41.30
C LYS D 178 -32.80 20.04 -40.21
N PHE D 179 -31.74 20.78 -40.48
CA PHE D 179 -30.71 21.00 -39.42
C PHE D 179 -30.61 22.47 -39.03
N LYS D 180 -31.76 23.16 -38.91
CA LYS D 180 -31.68 24.50 -38.27
C LYS D 180 -32.31 24.45 -36.88
N ASN D 181 -33.25 23.52 -36.66
CA ASN D 181 -33.67 23.24 -35.28
C ASN D 181 -32.67 22.31 -34.56
N GLU D 182 -32.19 21.28 -35.28
CA GLU D 182 -30.92 20.68 -34.93
C GLU D 182 -29.74 21.64 -35.24
N ASN D 183 -28.87 21.86 -34.25
CA ASN D 183 -28.12 23.13 -34.26
C ASN D 183 -27.44 23.41 -35.58
N PHE D 184 -27.84 24.52 -36.18
CA PHE D 184 -27.19 24.96 -37.45
C PHE D 184 -25.93 25.74 -37.15
N GLU D 185 -24.96 25.15 -36.45
CA GLU D 185 -23.77 25.86 -36.05
C GLU D 185 -22.82 26.08 -37.24
N ILE D 186 -22.55 25.02 -38.01
CA ILE D 186 -22.07 25.21 -39.39
C ILE D 186 -22.78 24.27 -40.33
N ILE D 187 -23.26 24.77 -41.50
CA ILE D 187 -23.62 23.85 -42.58
C ILE D 187 -22.61 23.82 -43.71
N ILE D 188 -22.26 22.59 -44.11
CA ILE D 188 -21.36 22.45 -45.25
C ILE D 188 -22.13 21.85 -46.43
N VAL D 189 -22.33 22.67 -47.48
CA VAL D 189 -23.14 22.25 -48.60
C VAL D 189 -22.46 22.41 -49.96
N ASP D 190 -22.33 21.35 -50.73
CA ASP D 190 -21.57 21.39 -51.97
C ASP D 190 -22.39 21.46 -53.21
N THR D 191 -22.09 22.36 -54.13
CA THR D 191 -22.65 22.22 -55.50
C THR D 191 -21.96 21.01 -56.19
N SER D 192 -22.64 20.56 -57.25
CA SER D 192 -22.37 19.21 -57.77
C SER D 192 -21.08 19.15 -58.59
N GLY D 193 -20.80 18.02 -59.20
CA GLY D 193 -19.51 17.87 -59.89
C GLY D 193 -19.71 18.16 -61.37
N ARG D 194 -19.20 19.32 -61.75
CA ARG D 194 -19.37 19.86 -63.10
C ARG D 194 -18.09 19.71 -63.88
N HIS D 195 -18.16 19.84 -65.21
CA HIS D 195 -16.97 19.49 -66.00
C HIS D 195 -15.87 20.54 -65.85
N LYS D 196 -16.18 21.77 -66.20
CA LYS D 196 -15.13 22.82 -66.25
C LYS D 196 -15.53 24.04 -65.47
N GLN D 197 -14.66 25.03 -65.46
CA GLN D 197 -15.02 26.32 -64.86
C GLN D 197 -15.85 27.15 -65.82
N GLU D 198 -15.86 26.76 -67.11
CA GLU D 198 -16.54 27.64 -68.08
C GLU D 198 -18.06 27.51 -68.04
N ASP D 199 -18.69 28.51 -67.47
CA ASP D 199 -20.11 28.50 -67.20
C ASP D 199 -20.69 27.13 -66.96
N SER D 200 -20.11 26.42 -65.98
CA SER D 200 -20.69 25.16 -65.53
C SER D 200 -20.65 25.16 -63.99
N LEU D 201 -19.50 25.52 -63.44
CA LEU D 201 -19.34 25.53 -61.96
C LEU D 201 -20.12 26.74 -61.39
N PHE D 202 -19.72 27.91 -61.90
CA PHE D 202 -20.25 29.15 -61.30
C PHE D 202 -21.62 29.45 -61.82
N GLU D 203 -21.90 29.19 -63.10
CA GLU D 203 -23.21 29.47 -63.68
C GLU D 203 -24.28 28.79 -62.84
N GLU D 204 -24.07 27.54 -62.49
CA GLU D 204 -24.89 26.94 -61.42
C GLU D 204 -24.72 27.64 -60.11
N MET D 205 -23.51 27.76 -59.56
CA MET D 205 -23.32 28.06 -58.14
C MET D 205 -24.21 29.14 -57.62
N LEU D 206 -24.24 30.32 -58.29
CA LEU D 206 -24.97 31.45 -57.72
C LEU D 206 -26.48 31.31 -57.87
N GLN D 207 -26.98 30.29 -58.49
CA GLN D 207 -28.39 29.85 -58.30
C GLN D 207 -28.58 29.27 -56.91
N VAL D 208 -27.62 28.39 -56.54
CA VAL D 208 -27.63 27.81 -55.18
C VAL D 208 -27.35 28.86 -54.13
N ALA D 209 -26.53 29.84 -54.51
CA ALA D 209 -26.18 30.90 -53.55
C ALA D 209 -27.41 31.71 -53.19
N ASN D 210 -28.34 31.89 -54.16
CA ASN D 210 -29.36 32.95 -53.98
C ASN D 210 -30.34 32.51 -52.92
N ALA D 211 -30.37 31.23 -52.58
CA ALA D 211 -31.35 30.68 -51.61
C ALA D 211 -30.78 30.87 -50.21
N ILE D 212 -29.45 30.88 -50.06
CA ILE D 212 -28.85 30.84 -48.75
C ILE D 212 -27.69 31.82 -48.60
N GLN D 213 -27.90 32.87 -47.80
CA GLN D 213 -26.92 33.96 -47.81
C GLN D 213 -25.55 33.56 -47.35
N PRO D 214 -24.60 33.36 -48.25
CA PRO D 214 -23.46 32.44 -47.97
C PRO D 214 -22.39 33.18 -47.19
N ASP D 215 -21.88 32.59 -46.11
CA ASP D 215 -21.02 33.28 -45.17
C ASP D 215 -19.56 33.00 -45.48
N ASN D 216 -19.27 31.94 -46.21
CA ASN D 216 -18.01 31.80 -46.95
C ASN D 216 -18.18 30.75 -48.02
N ILE D 217 -17.72 31.06 -49.21
CA ILE D 217 -17.86 30.12 -50.33
C ILE D 217 -16.45 29.58 -50.69
N VAL D 218 -16.29 28.26 -50.48
CA VAL D 218 -14.92 27.71 -50.60
C VAL D 218 -14.79 26.87 -51.85
N TYR D 219 -13.64 26.99 -52.54
CA TYR D 219 -13.53 26.32 -53.85
C TYR D 219 -12.36 25.32 -53.79
N VAL D 220 -12.70 24.01 -53.90
CA VAL D 220 -11.72 22.97 -53.73
C VAL D 220 -10.99 22.67 -55.06
N MET D 221 -9.74 23.10 -55.06
CA MET D 221 -8.99 23.19 -56.33
C MET D 221 -7.74 22.28 -56.30
N ASP D 222 -7.53 21.57 -57.44
CA ASP D 222 -6.61 20.42 -57.33
C ASP D 222 -5.18 20.91 -57.60
N ALA D 223 -4.30 20.77 -56.59
CA ALA D 223 -2.90 21.13 -56.74
C ALA D 223 -2.28 20.54 -57.99
N SER D 224 -2.67 19.33 -58.37
CA SER D 224 -2.12 18.70 -59.56
C SER D 224 -2.04 19.59 -60.76
N ILE D 225 -2.98 20.49 -60.93
CA ILE D 225 -3.07 21.26 -62.18
C ILE D 225 -1.99 22.32 -62.19
N GLY D 226 -1.32 22.56 -61.06
CA GLY D 226 -0.29 23.55 -61.02
C GLY D 226 -0.79 24.98 -61.28
N GLN D 227 -0.21 25.62 -62.33
CA GLN D 227 -0.36 27.06 -62.44
C GLN D 227 -1.62 27.44 -63.26
N ALA D 228 -2.41 26.42 -63.64
CA ALA D 228 -3.79 26.68 -63.99
C ALA D 228 -4.65 27.01 -62.77
N CYS D 229 -4.11 26.73 -61.57
CA CYS D 229 -4.78 27.23 -60.37
C CYS D 229 -5.14 28.69 -60.50
N GLU D 230 -4.27 29.51 -61.11
CA GLU D 230 -4.48 30.98 -61.13
C GLU D 230 -5.67 31.36 -61.99
N ALA D 231 -5.69 30.89 -63.21
CA ALA D 231 -6.84 31.15 -64.12
C ALA D 231 -8.16 30.71 -63.48
N GLN D 232 -8.15 29.74 -62.62
CA GLN D 232 -9.34 29.38 -61.82
C GLN D 232 -9.60 30.50 -60.79
N ALA D 233 -8.56 30.76 -59.99
CA ALA D 233 -8.72 31.72 -58.87
C ALA D 233 -9.23 33.07 -59.32
N LYS D 234 -8.49 33.71 -60.26
CA LYS D 234 -9.07 34.86 -60.96
C LYS D 234 -10.58 34.83 -60.99
N ALA D 235 -11.13 33.81 -61.69
CA ALA D 235 -12.53 33.82 -62.06
C ALA D 235 -13.44 33.84 -60.88
N PHE D 236 -13.04 33.11 -59.81
CA PHE D 236 -13.91 32.93 -58.64
C PHE D 236 -13.83 34.15 -57.74
N LYS D 237 -12.65 34.61 -57.43
CA LYS D 237 -12.49 35.94 -56.82
C LYS D 237 -13.44 36.97 -57.35
N ASP D 238 -13.40 37.20 -58.67
CA ASP D 238 -14.23 38.25 -59.28
C ASP D 238 -15.73 38.03 -58.97
N LYS D 239 -16.20 36.82 -59.20
CA LYS D 239 -17.65 36.59 -59.17
C LYS D 239 -18.13 36.55 -57.75
N VAL D 240 -17.28 36.08 -56.82
CA VAL D 240 -17.64 35.93 -55.44
C VAL D 240 -16.67 36.54 -54.47
N ASP D 241 -17.04 37.62 -53.77
CA ASP D 241 -16.04 38.30 -52.95
C ASP D 241 -15.68 37.51 -51.69
N VAL D 242 -16.59 36.59 -51.30
CA VAL D 242 -16.35 35.86 -50.08
C VAL D 242 -15.80 34.45 -50.39
N ALA D 243 -15.11 34.37 -51.51
CA ALA D 243 -14.40 33.13 -51.86
C ALA D 243 -13.20 32.92 -50.93
N SER D 244 -13.01 31.64 -50.60
CA SER D 244 -11.72 31.11 -50.15
C SER D 244 -11.36 29.89 -51.02
N VAL D 245 -10.10 29.42 -50.90
CA VAL D 245 -9.72 28.25 -51.71
C VAL D 245 -9.05 27.19 -50.87
N ILE D 246 -9.23 25.92 -51.33
CA ILE D 246 -8.62 24.79 -50.64
C ILE D 246 -7.93 23.89 -51.62
N VAL D 247 -6.61 23.71 -51.45
CA VAL D 247 -5.75 23.22 -52.53
C VAL D 247 -5.35 21.80 -52.29
N THR D 248 -5.84 20.83 -53.05
CA THR D 248 -5.84 19.45 -52.52
C THR D 248 -5.02 18.53 -53.41
N LYS D 249 -4.70 17.34 -52.90
CA LYS D 249 -3.57 16.54 -53.38
C LYS D 249 -2.29 17.31 -53.49
N LEU D 250 -1.61 17.57 -52.36
CA LEU D 250 -0.23 18.10 -52.41
C LEU D 250 0.77 17.01 -52.69
N ASP D 251 0.56 15.80 -52.11
CA ASP D 251 1.19 14.61 -52.71
C ASP D 251 0.94 14.48 -54.20
N GLY D 252 1.83 13.78 -54.93
CA GLY D 252 1.37 13.24 -56.23
C GLY D 252 2.17 13.83 -57.38
N HIS D 253 1.62 14.91 -57.99
CA HIS D 253 2.26 15.49 -59.18
C HIS D 253 3.01 16.78 -58.79
N ALA D 254 3.97 17.20 -59.58
CA ALA D 254 4.99 18.13 -59.05
C ALA D 254 4.57 19.59 -59.18
N LYS D 255 3.31 19.81 -59.52
CA LYS D 255 2.83 21.16 -59.75
C LYS D 255 2.28 21.76 -58.45
N GLY D 256 2.58 21.12 -57.34
CA GLY D 256 2.02 21.55 -56.02
C GLY D 256 2.48 23.00 -55.73
N GLY D 257 3.79 23.20 -55.73
CA GLY D 257 4.32 24.51 -55.38
C GLY D 257 3.75 25.64 -56.25
N GLY D 258 3.44 25.32 -57.50
CA GLY D 258 3.00 26.40 -58.42
C GLY D 258 1.49 26.44 -58.41
N ALA D 259 0.86 25.37 -57.88
CA ALA D 259 -0.55 25.53 -57.50
C ALA D 259 -0.65 26.58 -56.41
N LEU D 260 0.19 26.42 -55.36
CA LEU D 260 0.19 27.38 -54.26
C LEU D 260 0.53 28.78 -54.65
N SER D 261 1.66 28.97 -55.31
CA SER D 261 2.07 30.29 -55.77
C SER D 261 0.91 31.01 -56.46
N ALA D 262 0.14 30.29 -57.28
CA ALA D 262 -0.67 30.96 -58.30
C ALA D 262 -1.94 31.52 -57.69
N VAL D 263 -2.57 30.71 -56.85
CA VAL D 263 -3.77 31.16 -56.12
C VAL D 263 -3.37 32.29 -55.14
N ALA D 264 -2.21 32.10 -54.47
CA ALA D 264 -1.82 33.06 -53.47
C ALA D 264 -1.56 34.42 -54.12
N ALA D 265 -1.19 34.37 -55.40
CA ALA D 265 -1.06 35.67 -56.11
C ALA D 265 -2.39 36.43 -56.18
N THR D 266 -3.47 35.77 -56.55
CA THR D 266 -4.74 36.52 -56.75
C THR D 266 -5.11 37.32 -55.51
N LYS D 267 -4.95 36.73 -54.33
CA LYS D 267 -5.37 37.35 -53.10
C LYS D 267 -6.71 36.78 -52.66
N SER D 268 -7.29 35.89 -53.49
CA SER D 268 -8.26 34.92 -53.00
C SER D 268 -7.71 34.11 -51.80
N PRO D 269 -8.27 34.33 -50.61
CA PRO D 269 -7.63 33.77 -49.40
C PRO D 269 -7.60 32.25 -49.43
N ILE D 270 -6.41 31.66 -49.60
CA ILE D 270 -6.31 30.21 -49.39
C ILE D 270 -6.66 29.81 -47.98
N ILE D 271 -7.58 28.84 -47.81
CA ILE D 271 -8.13 28.56 -46.47
C ILE D 271 -7.66 27.18 -45.99
N PHE D 272 -7.43 26.29 -46.97
CA PHE D 272 -6.94 24.96 -46.57
C PHE D 272 -6.02 24.36 -47.65
N ILE D 273 -5.12 23.46 -47.25
CA ILE D 273 -4.57 22.51 -48.21
C ILE D 273 -4.79 21.06 -47.76
N GLY D 274 -4.71 20.15 -48.70
CA GLY D 274 -4.77 18.70 -48.34
C GLY D 274 -3.34 18.18 -48.36
N THR D 275 -2.96 17.50 -47.25
CA THR D 275 -1.65 16.88 -47.23
C THR D 275 -1.68 15.43 -47.63
N GLY D 276 -2.83 14.75 -47.49
CA GLY D 276 -2.99 13.49 -48.25
C GLY D 276 -4.41 12.98 -48.02
N GLU D 277 -4.56 11.78 -47.49
CA GLU D 277 -5.79 11.00 -47.68
C GLU D 277 -6.58 10.90 -46.38
N HIS D 278 -5.95 10.38 -45.31
CA HIS D 278 -6.69 10.10 -44.10
C HIS D 278 -7.55 11.28 -43.70
N ILE D 279 -8.60 11.05 -42.92
CA ILE D 279 -9.53 12.10 -42.53
C ILE D 279 -8.84 13.28 -41.93
N ASP D 280 -7.68 13.12 -41.29
CA ASP D 280 -7.10 14.29 -40.62
C ASP D 280 -6.10 15.02 -41.48
N ASP D 281 -5.99 14.63 -42.76
CA ASP D 281 -4.96 15.18 -43.60
C ASP D 281 -5.39 16.48 -44.24
N PHE D 282 -6.12 17.31 -43.46
CA PHE D 282 -6.68 18.52 -44.09
C PHE D 282 -6.23 19.75 -43.29
N GLU D 283 -5.09 20.33 -43.65
CA GLU D 283 -4.42 21.26 -42.75
C GLU D 283 -4.82 22.69 -43.05
N PRO D 284 -4.83 23.58 -42.03
CA PRO D 284 -5.67 24.78 -42.07
C PRO D 284 -5.01 25.90 -42.88
N PHE D 285 -4.73 25.66 -44.16
CA PHE D 285 -3.62 26.43 -44.79
C PHE D 285 -2.52 26.73 -43.82
N LYS D 286 -1.72 25.72 -43.42
CA LYS D 286 -0.45 25.98 -42.72
C LYS D 286 0.66 26.39 -43.67
N THR D 287 0.50 27.56 -44.30
CA THR D 287 1.40 27.92 -45.40
C THR D 287 2.73 28.49 -44.86
N GLN D 288 2.67 28.99 -43.67
CA GLN D 288 3.90 29.29 -42.91
C GLN D 288 4.73 28.04 -42.77
N PRO D 289 4.15 26.96 -42.19
CA PRO D 289 4.84 25.70 -42.16
C PRO D 289 5.22 25.19 -43.52
N PHE D 290 4.29 25.10 -44.44
CA PHE D 290 4.55 24.46 -45.75
C PHE D 290 5.80 25.15 -46.36
N ILE D 291 5.76 26.49 -46.36
CA ILE D 291 6.85 27.20 -47.05
C ILE D 291 8.19 27.02 -46.37
N SER D 292 8.13 26.88 -45.04
CA SER D 292 9.35 26.50 -44.29
C SER D 292 9.84 25.16 -44.78
N LYS D 293 8.93 24.16 -44.88
CA LYS D 293 9.37 22.87 -45.39
C LYS D 293 10.07 23.00 -46.76
N LEU D 294 9.50 23.91 -47.59
CA LEU D 294 10.05 24.13 -48.92
C LEU D 294 11.47 24.61 -48.93
N LEU D 295 11.73 25.85 -48.46
CA LEU D 295 13.11 26.34 -48.36
C LEU D 295 13.96 25.38 -47.55
N GLY D 296 13.48 25.03 -46.34
CA GLY D 296 14.27 24.17 -45.45
C GLY D 296 15.52 24.98 -45.04
N MET D 297 15.52 25.35 -43.78
CA MET D 297 14.81 24.59 -42.74
C MET D 297 14.75 23.12 -43.01
N GLY D 298 13.61 22.47 -42.74
CA GLY D 298 13.58 21.00 -42.66
C GLY D 298 14.68 20.53 -41.71
N ASP D 299 14.31 20.02 -40.53
CA ASP D 299 13.29 20.58 -39.68
C ASP D 299 11.87 20.15 -40.01
N ILE D 300 10.86 20.98 -39.70
CA ILE D 300 9.46 20.54 -39.80
C ILE D 300 9.20 19.25 -39.06
N GLU D 301 10.20 18.73 -38.32
CA GLU D 301 9.92 17.51 -37.56
C GLU D 301 9.72 17.81 -36.05
N GLY D 302 10.52 18.71 -35.54
CA GLY D 302 10.16 19.35 -34.26
C GLY D 302 8.88 20.20 -34.41
N LEU D 303 8.73 20.74 -35.62
CA LEU D 303 7.72 21.83 -35.77
C LEU D 303 6.31 21.34 -35.44
N ILE D 304 5.85 20.27 -36.09
CA ILE D 304 4.53 19.74 -35.81
C ILE D 304 4.46 19.30 -34.34
N ASP D 305 5.51 18.68 -33.87
CA ASP D 305 5.56 18.20 -32.49
C ASP D 305 5.37 19.34 -31.50
N LYS D 306 6.33 20.29 -31.43
CA LYS D 306 6.28 21.31 -30.42
C LYS D 306 5.01 22.11 -30.49
N VAL D 307 4.60 22.45 -31.73
CA VAL D 307 3.44 23.33 -31.95
C VAL D 307 2.15 22.73 -31.44
N ASN D 308 2.12 21.42 -31.18
CA ASN D 308 0.82 20.75 -30.99
C ASN D 308 0.30 20.91 -29.59
N GLU D 309 -0.89 20.47 -29.27
CA GLU D 309 -1.52 20.95 -28.02
C GLU D 309 -1.11 20.09 -26.82
N LEU D 310 -1.12 18.75 -27.02
CA LEU D 310 -0.83 17.92 -25.82
C LEU D 310 0.67 17.75 -25.64
N LYS D 311 1.36 18.83 -25.27
CA LYS D 311 2.80 18.92 -25.52
C LYS D 311 3.40 19.90 -24.50
N LEU D 312 2.66 20.94 -24.17
CA LEU D 312 3.04 21.74 -22.98
C LEU D 312 2.28 21.26 -21.73
N ASP D 313 0.95 21.22 -21.82
CA ASP D 313 0.17 20.78 -20.64
C ASP D 313 0.27 19.27 -20.42
N ASP D 314 0.06 18.47 -21.48
CA ASP D 314 -0.07 17.03 -21.28
C ASP D 314 1.20 16.25 -21.56
N ASN D 315 2.34 16.99 -21.53
CA ASN D 315 3.65 16.36 -21.28
C ASN D 315 4.03 16.62 -19.80
N GLU D 316 3.13 16.17 -18.94
CA GLU D 316 3.39 16.29 -17.49
C GLU D 316 2.92 15.07 -16.74
N ALA D 317 1.68 14.63 -17.04
CA ALA D 317 1.02 13.70 -16.12
C ALA D 317 1.35 12.25 -16.57
N LEU D 318 1.44 12.06 -17.90
CA LEU D 318 2.28 10.96 -18.41
C LEU D 318 3.71 11.09 -17.93
N ILE D 319 4.26 12.29 -17.84
CA ILE D 319 5.73 12.43 -17.83
C ILE D 319 6.31 12.20 -16.44
N GLU D 320 5.40 12.20 -15.45
CA GLU D 320 5.87 11.88 -14.09
C GLU D 320 5.89 10.35 -13.91
N LYS D 321 4.82 9.68 -14.22
CA LYS D 321 4.80 8.20 -14.16
C LYS D 321 5.86 7.61 -15.03
N LEU D 322 6.19 8.21 -16.19
CA LEU D 322 7.45 7.83 -16.82
C LEU D 322 8.64 7.88 -15.82
N LYS D 323 8.85 9.07 -15.30
CA LYS D 323 10.09 9.37 -14.60
C LYS D 323 10.25 8.69 -13.27
N HIS D 324 9.11 8.34 -12.63
CA HIS D 324 9.20 7.48 -11.45
C HIS D 324 9.58 6.04 -11.79
N GLY D 325 8.84 5.45 -12.73
CA GLY D 325 9.10 4.08 -13.14
C GLY D 325 7.86 3.20 -13.03
N GLN D 326 6.77 3.64 -13.66
CA GLN D 326 5.53 2.89 -13.63
C GLN D 326 5.35 2.06 -14.90
N PHE D 327 6.47 1.62 -15.47
CA PHE D 327 6.45 0.82 -16.69
C PHE D 327 6.10 1.66 -17.90
N THR D 328 5.69 1.00 -18.98
CA THR D 328 5.33 1.69 -20.21
C THR D 328 4.01 1.17 -20.76
N LEU D 329 3.59 -0.01 -20.30
CA LEU D 329 2.35 -0.62 -20.75
C LEU D 329 1.21 0.40 -20.78
N ARG D 330 1.32 1.42 -19.93
CA ARG D 330 0.30 2.46 -19.85
C ARG D 330 0.69 3.66 -20.70
N ASP D 331 1.84 3.58 -21.35
CA ASP D 331 2.33 4.67 -22.22
C ASP D 331 2.20 4.22 -23.68
N MET D 332 2.29 2.91 -23.88
CA MET D 332 2.08 2.40 -25.26
C MET D 332 0.88 3.02 -25.91
N TYR D 333 -0.31 2.75 -25.31
CA TYR D 333 -1.56 3.17 -25.92
C TYR D 333 -1.60 4.69 -26.09
N GLU D 334 -1.38 5.39 -24.95
CA GLU D 334 -1.38 6.85 -25.00
C GLU D 334 -0.54 7.39 -26.15
N GLN D 335 0.74 6.98 -26.23
CA GLN D 335 1.60 7.48 -27.26
C GLN D 335 1.23 6.99 -28.67
N PHE D 336 0.50 5.86 -28.70
CA PHE D 336 0.09 5.32 -30.00
C PHE D 336 -1.21 5.97 -30.44
N GLN D 337 -1.88 6.68 -29.54
CA GLN D 337 -3.16 7.31 -29.83
C GLN D 337 -3.03 8.83 -29.72
N ASN D 338 -2.56 9.30 -28.57
CA ASN D 338 -2.30 10.71 -28.38
C ASN D 338 -1.53 11.25 -29.58
N ILE D 339 -0.82 10.34 -30.24
CA ILE D 339 -0.12 10.65 -31.48
C ILE D 339 -0.86 9.98 -32.64
N MET D 340 -1.70 9.00 -32.31
CA MET D 340 -2.50 8.31 -33.31
C MET D 340 -3.15 9.33 -34.24
N LYS D 341 -3.55 10.46 -33.66
CA LYS D 341 -4.09 11.56 -34.45
C LYS D 341 -3.13 11.84 -35.58
N MET D 342 -1.96 11.19 -35.51
CA MET D 342 -0.97 11.28 -36.54
C MET D 342 -0.63 12.70 -36.99
N GLY D 343 0.60 13.15 -36.91
CA GLY D 343 1.13 14.13 -37.87
C GLY D 343 2.41 13.63 -38.48
N PRO D 344 2.45 13.46 -39.80
CA PRO D 344 3.60 12.80 -40.43
C PRO D 344 4.90 13.57 -40.24
N PHE D 345 5.96 12.85 -39.87
CA PHE D 345 7.28 13.44 -39.75
C PHE D 345 8.36 12.43 -40.17
N SER D 346 9.44 12.93 -40.73
CA SER D 346 10.57 12.09 -41.10
C SER D 346 11.22 11.47 -39.86
N GLN D 347 11.30 12.26 -38.79
CA GLN D 347 12.02 11.89 -37.59
C GLN D 347 11.31 10.74 -36.88
N ILE D 348 10.13 10.35 -37.35
CA ILE D 348 9.38 9.27 -36.73
C ILE D 348 10.26 8.05 -36.51
N LEU D 349 11.26 7.87 -37.38
CA LEU D 349 12.17 6.75 -37.28
C LEU D 349 13.61 7.22 -37.11
N GLY D 350 13.77 8.39 -36.50
CA GLY D 350 15.10 8.95 -36.28
C GLY D 350 15.74 8.44 -35.01
N MET D 351 14.92 8.18 -34.00
CA MET D 351 15.42 7.67 -32.72
C MET D 351 16.03 6.28 -32.88
N ILE D 352 15.34 5.42 -33.62
CA ILE D 352 15.82 4.07 -33.84
C ILE D 352 16.79 4.01 -35.02
N PRO D 353 18.08 3.91 -34.70
CA PRO D 353 19.13 3.85 -35.75
C PRO D 353 19.12 2.48 -36.45
N GLY D 354 19.05 2.45 -37.77
CA GLY D 354 18.83 1.22 -38.51
C GLY D 354 18.68 1.43 -40.00
N PHE D 355 19.82 1.75 -40.64
CA PHE D 355 19.79 1.87 -42.12
C PHE D 355 19.67 0.45 -42.73
N GLY D 356 18.50 0.21 -43.33
CA GLY D 356 18.32 -1.10 -43.98
C GLY D 356 17.25 -1.04 -45.04
N THR D 357 16.00 -1.43 -44.68
CA THR D 357 14.93 -1.25 -45.66
C THR D 357 14.30 0.13 -45.54
N ASP D 358 13.12 0.27 -46.17
CA ASP D 358 12.48 1.57 -46.34
C ASP D 358 12.57 2.48 -45.13
N PHE D 359 13.11 3.69 -45.36
CA PHE D 359 13.50 4.16 -46.67
C PHE D 359 12.42 4.86 -47.42
N MET D 360 11.17 4.34 -47.34
CA MET D 360 10.11 4.90 -48.20
C MET D 360 8.87 5.15 -47.30
N SER D 361 8.72 4.26 -46.32
CA SER D 361 7.77 4.54 -45.22
C SER D 361 8.27 5.58 -44.25
N LYS D 362 8.58 6.74 -44.81
CA LYS D 362 9.20 7.82 -44.05
C LYS D 362 8.35 9.01 -43.52
N GLY D 363 7.03 9.05 -43.75
CA GLY D 363 6.21 8.03 -44.37
C GLY D 363 5.44 7.27 -43.30
N ASN D 364 4.28 6.75 -43.67
CA ASN D 364 3.40 6.10 -42.70
C ASN D 364 2.81 4.76 -43.14
N GLU D 365 3.62 3.70 -43.19
CA GLU D 365 3.05 2.37 -43.44
C GLU D 365 2.62 1.67 -42.18
N GLN D 366 3.15 2.15 -41.03
CA GLN D 366 2.65 1.77 -39.72
C GLN D 366 1.20 2.29 -39.49
N GLU D 367 1.02 3.57 -39.84
CA GLU D 367 -0.33 4.13 -39.72
C GLU D 367 -1.31 3.40 -40.61
N SER D 368 -0.87 3.05 -41.81
CA SER D 368 -1.74 2.47 -42.81
C SER D 368 -2.35 1.19 -42.33
N MET D 369 -1.61 0.39 -41.56
CA MET D 369 -2.28 -0.80 -40.97
C MET D 369 -3.40 -0.25 -40.04
N ALA D 370 -4.56 -0.89 -40.15
CA ALA D 370 -5.77 -0.32 -39.57
C ALA D 370 -5.51 0.19 -38.13
N ARG D 371 -5.17 -0.69 -37.23
CA ARG D 371 -4.78 -0.23 -35.87
C ARG D 371 -3.30 0.06 -35.83
N LEU D 372 -2.72 0.04 -34.63
CA LEU D 372 -1.29 0.29 -34.48
C LEU D 372 -0.57 -0.97 -34.00
N LYS D 373 -0.43 -1.94 -34.89
CA LYS D 373 0.22 -3.20 -34.58
C LYS D 373 -0.52 -3.95 -33.47
N LYS D 374 -0.34 -5.27 -33.41
CA LYS D 374 -0.99 -6.09 -32.41
C LYS D 374 -0.23 -6.07 -31.08
N LEU D 375 -0.61 -5.15 -30.20
CA LEU D 375 0.04 -5.03 -28.89
C LEU D 375 -1.01 -4.84 -27.79
N MET D 376 -2.02 -4.00 -28.07
CA MET D 376 -3.09 -3.76 -27.14
C MET D 376 -3.65 -5.07 -26.56
N THR D 377 -4.01 -5.98 -27.45
CA THR D 377 -4.80 -7.16 -27.03
C THR D 377 -4.05 -8.14 -26.19
N ILE D 378 -2.75 -8.36 -26.39
CA ILE D 378 -1.96 -9.09 -25.40
C ILE D 378 -1.78 -8.31 -24.11
N MET D 379 -1.85 -6.96 -24.23
CA MET D 379 -1.85 -6.13 -23.02
C MET D 379 -3.09 -6.31 -22.17
N ASP D 380 -4.22 -6.33 -22.84
CA ASP D 380 -5.49 -6.56 -22.12
C ASP D 380 -5.54 -7.98 -21.50
N SER D 381 -4.88 -8.91 -22.19
CA SER D 381 -5.03 -10.31 -21.83
C SER D 381 -3.98 -10.69 -20.77
N MET D 382 -3.11 -9.75 -20.48
CA MET D 382 -2.30 -9.86 -19.25
C MET D 382 -3.15 -9.44 -18.08
N ASN D 383 -2.85 -9.93 -16.87
CA ASN D 383 -3.40 -9.33 -15.65
C ASN D 383 -2.66 -8.02 -15.30
N ASP D 384 -3.39 -7.17 -14.54
CA ASP D 384 -2.89 -5.79 -14.34
C ASP D 384 -1.52 -5.87 -13.65
N GLN D 385 -1.36 -6.88 -12.77
CA GLN D 385 -0.08 -6.92 -12.02
C GLN D 385 0.92 -7.71 -12.80
N GLU D 386 0.50 -8.64 -13.66
CA GLU D 386 1.45 -9.21 -14.63
C GLU D 386 2.20 -8.07 -15.30
N LEU D 387 1.51 -7.00 -15.68
CA LEU D 387 2.26 -5.84 -16.17
C LEU D 387 3.04 -5.17 -15.05
N ASP D 388 2.42 -4.95 -13.91
CA ASP D 388 2.96 -4.08 -12.87
C ASP D 388 4.17 -4.70 -12.14
N SER D 389 4.42 -5.99 -12.45
CA SER D 389 5.66 -6.59 -12.05
C SER D 389 6.89 -5.77 -12.50
N THR D 390 7.91 -5.76 -11.65
CA THR D 390 9.04 -4.83 -11.91
C THR D 390 9.86 -5.43 -13.05
N ASP D 391 9.68 -6.71 -13.32
CA ASP D 391 10.05 -7.27 -14.63
C ASP D 391 9.07 -8.25 -15.19
N GLY D 392 8.03 -7.77 -15.92
CA GLY D 392 6.98 -8.72 -16.35
C GLY D 392 7.58 -9.87 -17.12
N ALA D 393 8.66 -9.59 -17.89
CA ALA D 393 9.34 -10.69 -18.59
C ALA D 393 9.84 -11.73 -17.60
N LYS D 394 10.34 -11.33 -16.46
CA LYS D 394 10.78 -12.30 -15.47
C LYS D 394 9.69 -13.28 -15.13
N VAL D 395 8.46 -12.83 -15.12
CA VAL D 395 7.33 -13.68 -14.82
C VAL D 395 7.12 -14.71 -15.91
N PHE D 396 7.37 -14.36 -17.18
CA PHE D 396 7.20 -15.33 -18.27
C PHE D 396 8.39 -16.24 -18.46
N SER D 397 9.54 -15.90 -17.85
CA SER D 397 10.58 -16.94 -17.68
C SER D 397 10.13 -17.96 -16.63
N LYS D 398 9.84 -17.47 -15.41
CA LYS D 398 9.74 -18.39 -14.28
C LYS D 398 8.59 -19.39 -14.53
N GLN D 399 7.45 -18.90 -14.96
CA GLN D 399 6.38 -19.74 -15.40
C GLN D 399 6.28 -19.66 -16.95
N PRO D 400 6.43 -20.83 -17.59
CA PRO D 400 6.59 -20.86 -19.01
C PRO D 400 5.26 -20.86 -19.73
N GLY D 401 4.19 -21.36 -19.06
CA GLY D 401 2.91 -21.55 -19.75
C GLY D 401 2.01 -20.32 -19.59
N ARG D 402 2.66 -19.25 -19.08
CA ARG D 402 2.05 -17.90 -19.19
C ARG D 402 2.17 -17.34 -20.61
N ILE D 403 3.20 -17.80 -21.35
CA ILE D 403 3.43 -17.15 -22.65
C ILE D 403 2.55 -17.83 -23.71
N GLN D 404 2.06 -19.04 -23.35
CA GLN D 404 1.11 -19.73 -24.19
C GLN D 404 -0.31 -19.22 -23.92
N ARG D 405 -0.70 -19.18 -22.64
CA ARG D 405 -2.09 -18.78 -22.30
C ARG D 405 -2.40 -17.36 -22.69
N VAL D 406 -1.40 -16.47 -22.47
CA VAL D 406 -1.60 -15.09 -22.93
C VAL D 406 -1.56 -14.95 -24.43
N ALA D 407 -0.79 -15.77 -25.14
CA ALA D 407 -0.84 -15.72 -26.61
C ALA D 407 -2.23 -16.11 -27.07
N ARG D 408 -2.81 -17.17 -26.51
CA ARG D 408 -4.09 -17.70 -27.00
C ARG D 408 -5.21 -16.74 -26.60
N GLY D 409 -5.04 -16.19 -25.38
CA GLY D 409 -6.11 -15.26 -24.93
C GLY D 409 -6.21 -14.04 -25.78
N SER D 410 -5.04 -13.46 -26.15
CA SER D 410 -5.10 -12.31 -27.07
C SER D 410 -5.35 -12.70 -28.48
N GLY D 411 -4.88 -13.86 -28.94
CA GLY D 411 -5.05 -14.26 -30.32
C GLY D 411 -3.75 -14.12 -31.08
N VAL D 412 -2.65 -13.75 -30.41
CA VAL D 412 -1.36 -13.85 -31.08
C VAL D 412 -0.83 -15.27 -31.03
N SER D 413 0.30 -15.51 -31.72
CA SER D 413 1.18 -16.65 -31.40
C SER D 413 2.15 -16.31 -30.25
N THR D 414 2.81 -17.31 -29.73
CA THR D 414 3.85 -17.14 -28.74
C THR D 414 5.05 -16.40 -29.28
N ARG D 415 5.23 -16.32 -30.60
CA ARG D 415 6.41 -15.69 -31.19
C ARG D 415 6.26 -14.17 -31.05
N ASP D 416 5.04 -13.69 -31.36
CA ASP D 416 4.84 -12.24 -31.33
C ASP D 416 4.66 -11.76 -29.89
N VAL D 417 4.07 -12.59 -29.03
CA VAL D 417 4.12 -12.35 -27.61
C VAL D 417 5.56 -12.28 -27.06
N GLN D 418 6.47 -13.08 -27.66
CA GLN D 418 7.83 -13.06 -27.18
C GLN D 418 8.55 -11.78 -27.62
N GLU D 419 8.17 -11.23 -28.79
CA GLU D 419 8.70 -9.97 -29.25
C GLU D 419 8.36 -8.82 -28.34
N LEU D 420 7.12 -8.74 -27.90
CA LEU D 420 6.72 -7.62 -27.00
C LEU D 420 7.58 -7.77 -25.73
N LEU D 421 7.67 -8.98 -25.20
CA LEU D 421 8.28 -9.18 -23.91
C LEU D 421 9.67 -8.64 -23.87
N THR D 422 10.43 -8.94 -24.95
CA THR D 422 11.84 -8.57 -24.95
C THR D 422 11.99 -7.09 -25.33
N GLN D 423 11.04 -6.62 -26.10
CA GLN D 423 10.97 -5.16 -26.38
C GLN D 423 10.85 -4.38 -25.09
N TYR D 424 10.07 -4.88 -24.13
CA TYR D 424 9.93 -4.14 -22.88
C TYR D 424 11.27 -4.03 -22.16
N THR D 425 12.03 -5.12 -22.18
CA THR D 425 13.35 -5.17 -21.51
C THR D 425 14.41 -4.39 -22.31
N LYS D 426 14.04 -4.19 -23.59
CA LYS D 426 14.95 -3.45 -24.48
C LYS D 426 14.87 -1.95 -24.23
N PHE D 427 13.63 -1.49 -24.05
CA PHE D 427 13.43 -0.11 -23.55
C PHE D 427 14.10 0.00 -22.18
N ALA D 428 13.82 -0.95 -21.28
CA ALA D 428 14.42 -0.88 -19.95
C ALA D 428 15.91 -0.70 -19.94
N GLN D 429 16.62 -1.74 -20.42
CA GLN D 429 18.09 -1.72 -20.17
C GLN D 429 18.67 -0.43 -20.81
N MET D 430 18.13 -0.13 -21.98
CA MET D 430 18.62 1.04 -22.75
C MET D 430 18.65 2.24 -21.80
N VAL D 431 17.55 2.44 -21.07
CA VAL D 431 17.37 3.66 -20.24
C VAL D 431 18.24 3.64 -19.01
N LYS D 432 18.33 2.45 -18.40
CA LYS D 432 19.25 2.19 -17.29
C LYS D 432 20.66 2.63 -17.74
N LYS D 433 21.04 2.28 -18.97
CA LYS D 433 22.47 2.31 -19.31
C LYS D 433 22.81 3.39 -20.29
N ALA E 1 38.83 13.83 134.21
CA ALA E 1 37.93 13.23 133.19
C ALA E 1 38.26 13.82 131.83
N GLN E 2 37.83 13.16 130.76
CA GLN E 2 38.06 13.65 129.40
C GLN E 2 36.69 14.13 128.97
N TYR E 3 36.64 15.03 127.98
CA TYR E 3 35.35 15.53 127.49
C TYR E 3 35.18 15.31 125.99
N GLN E 4 33.93 15.14 125.56
CA GLN E 4 33.61 14.88 124.15
C GLN E 4 33.23 16.10 123.32
N THR E 5 33.07 17.25 123.96
CA THR E 5 32.73 18.47 123.25
C THR E 5 33.47 19.64 123.85
N TRP E 6 34.02 20.49 122.98
CA TRP E 6 34.78 21.65 123.41
C TRP E 6 33.95 22.57 124.31
N GLU E 7 32.65 22.60 124.06
CA GLU E 7 31.76 23.43 124.85
C GLU E 7 31.94 23.18 126.35
N GLU E 8 31.64 21.96 126.78
CA GLU E 8 31.75 21.59 128.19
C GLU E 8 33.12 21.90 128.76
N PHE E 9 34.09 21.16 128.26
CA PHE E 9 35.48 21.29 128.66
C PHE E 9 35.92 22.74 128.84
N SER E 10 35.45 23.62 127.97
CA SER E 10 35.81 25.02 128.06
C SER E 10 35.52 25.59 129.43
N ARG E 11 34.23 25.73 129.75
CA ARG E 11 33.85 26.28 131.05
C ARG E 11 34.42 25.42 132.15
N ALA E 12 34.30 24.12 131.98
CA ALA E 12 34.83 23.20 132.96
C ALA E 12 36.22 23.69 133.27
N ALA E 13 37.03 23.85 132.23
CA ALA E 13 38.40 24.30 132.38
C ALA E 13 38.50 25.72 132.94
N GLU E 14 37.82 26.66 132.32
CA GLU E 14 37.84 28.05 132.77
C GLU E 14 37.47 28.20 134.24
N LYS E 15 36.39 27.52 134.63
CA LYS E 15 35.89 27.54 136.02
C LYS E 15 36.98 27.04 136.95
N LEU E 16 37.57 25.91 136.60
CA LEU E 16 38.62 25.27 137.37
C LEU E 16 39.80 26.23 137.57
N TYR E 17 40.18 26.91 136.50
CA TYR E 17 41.28 27.85 136.59
C TYR E 17 40.85 28.95 137.54
N LEU E 18 39.61 29.39 137.39
CA LEU E 18 39.07 30.46 138.19
C LEU E 18 39.14 30.23 139.70
N ALA E 19 38.83 28.99 140.12
CA ALA E 19 38.83 28.61 141.52
C ALA E 19 40.22 28.46 142.15
N ASP E 20 41.23 28.88 141.41
CA ASP E 20 42.64 28.81 141.84
C ASP E 20 43.58 29.28 140.72
N PRO E 21 43.58 30.58 140.43
CA PRO E 21 44.45 31.09 139.38
C PRO E 21 45.90 31.17 139.80
N MET E 22 46.45 30.07 140.30
CA MET E 22 47.85 30.07 140.73
C MET E 22 48.47 28.69 140.70
N LYS E 23 47.66 27.66 140.94
CA LYS E 23 48.16 26.29 140.90
C LYS E 23 47.89 25.77 139.51
N ALA E 24 46.70 26.08 139.00
CA ALA E 24 46.29 25.63 137.68
C ALA E 24 47.33 25.91 136.59
N ARG E 25 47.37 24.99 135.64
CA ARG E 25 48.29 25.06 134.50
C ARG E 25 47.64 24.35 133.29
N VAL E 26 47.94 24.85 132.09
CA VAL E 26 47.39 24.25 130.87
C VAL E 26 48.50 23.88 129.88
N VAL E 27 48.47 22.63 129.42
CA VAL E 27 49.47 22.16 128.48
C VAL E 27 48.79 21.76 127.17
N LEU E 28 49.54 21.83 126.08
CA LEU E 28 49.04 21.48 124.76
C LEU E 28 50.11 20.62 124.07
N LYS E 29 49.67 19.56 123.39
CA LYS E 29 50.55 18.62 122.70
C LYS E 29 50.03 18.30 121.33
N TYR E 30 50.83 18.69 120.34
CA TYR E 30 50.51 18.46 118.96
C TYR E 30 51.53 17.52 118.34
N ARG E 31 51.04 16.49 117.65
CA ARG E 31 51.91 15.54 116.97
C ARG E 31 51.43 15.60 115.52
N HIS E 32 52.24 16.21 114.67
CA HIS E 32 51.87 16.35 113.27
C HIS E 32 51.72 15.00 112.61
N SER E 33 52.69 14.13 112.85
CA SER E 33 52.70 12.81 112.25
C SER E 33 51.50 11.93 112.56
N ASP E 34 50.80 12.20 113.64
CA ASP E 34 49.63 11.38 113.94
C ASP E 34 48.36 12.14 113.64
N GLY E 35 48.49 13.43 113.45
CA GLY E 35 47.34 14.24 113.12
C GLY E 35 46.33 14.45 114.23
N SER E 36 46.81 14.79 115.42
CA SER E 36 45.92 15.04 116.53
C SER E 36 46.48 16.06 117.53
N LEU E 37 45.55 16.73 118.20
CA LEU E 37 45.83 17.76 119.18
C LEU E 37 45.41 17.19 120.52
N CYS E 38 45.72 17.87 121.61
CA CYS E 38 45.35 17.39 122.92
C CYS E 38 45.57 18.42 124.02
N ILE E 39 44.48 19.00 124.51
CA ILE E 39 44.59 20.01 125.55
C ILE E 39 44.21 19.42 126.89
N LYS E 40 44.96 19.79 127.92
CA LYS E 40 44.71 19.27 129.25
C LYS E 40 44.92 20.40 130.25
N VAL E 41 44.05 20.49 131.24
CA VAL E 41 44.21 21.50 132.28
C VAL E 41 44.23 20.78 133.61
N THR E 42 45.33 20.95 134.36
CA THR E 42 45.53 20.32 135.66
C THR E 42 45.66 21.28 136.84
N ASP E 43 45.63 20.67 138.01
CA ASP E 43 45.75 21.34 139.30
C ASP E 43 46.73 20.48 140.09
N ASP E 44 47.19 19.40 139.43
CA ASP E 44 48.12 18.43 140.01
C ASP E 44 47.38 17.63 141.06
N LEU E 45 46.08 17.47 140.81
CA LEU E 45 45.18 16.74 141.67
C LEU E 45 43.89 16.55 140.88
N VAL E 46 43.57 17.55 140.06
CA VAL E 46 42.40 17.49 139.18
C VAL E 46 42.94 17.61 137.74
N CYS E 47 42.32 16.90 136.81
CA CYS E 47 42.80 16.92 135.43
C CYS E 47 41.70 16.82 134.37
N LEU E 48 41.64 17.82 133.51
CA LEU E 48 40.67 17.85 132.44
C LEU E 48 41.40 17.58 131.14
N VAL E 49 40.75 16.86 130.24
CA VAL E 49 41.39 16.51 128.99
C VAL E 49 40.50 16.50 127.77
N TYR E 50 40.98 17.15 126.70
CA TYR E 50 40.28 17.20 125.42
C TYR E 50 41.18 16.69 124.30
N ARG E 51 40.68 15.74 123.52
CA ARG E 51 41.46 15.18 122.41
C ARG E 51 40.74 15.43 121.10
N THR E 52 41.49 15.78 120.04
CA THR E 52 40.89 16.02 118.73
C THR E 52 41.79 15.71 117.56
N ASP E 53 41.17 15.59 116.39
CA ASP E 53 41.88 15.36 115.15
C ASP E 53 41.12 16.10 114.05
N GLN E 54 40.24 17.02 114.49
CA GLN E 54 39.41 17.87 113.64
C GLN E 54 40.06 19.26 113.55
N ALA E 55 40.37 19.73 112.35
CA ALA E 55 41.02 21.04 112.21
C ALA E 55 40.14 22.15 112.71
N GLN E 56 38.84 21.90 112.64
CA GLN E 56 37.87 22.86 113.08
C GLN E 56 38.15 23.30 114.52
N ASP E 57 39.03 22.58 115.20
CA ASP E 57 39.33 22.88 116.60
C ASP E 57 40.54 23.77 116.93
N VAL E 58 41.57 23.72 116.11
CA VAL E 58 42.75 24.52 116.36
C VAL E 58 42.45 25.95 116.72
N LYS E 59 41.44 26.53 116.10
CA LYS E 59 41.09 27.92 116.37
C LYS E 59 40.41 27.99 117.72
N LYS E 60 39.47 27.08 117.95
CA LYS E 60 38.77 27.08 119.23
C LYS E 60 39.82 27.06 120.35
N ILE E 61 40.92 26.34 120.14
CA ILE E 61 41.96 26.31 121.16
C ILE E 61 42.82 27.57 121.19
N GLU E 62 43.41 27.94 120.05
CA GLU E 62 44.28 29.12 120.02
C GLU E 62 43.53 30.24 120.71
N LYS E 63 42.20 30.19 120.68
CA LYS E 63 41.38 31.18 121.32
C LYS E 63 41.46 31.01 122.82
N PHE E 64 41.10 29.81 123.27
CA PHE E 64 41.12 29.44 124.67
C PHE E 64 42.42 29.95 125.31
N HIS E 65 43.54 29.65 124.65
CA HIS E 65 44.83 30.09 125.13
C HIS E 65 44.81 31.59 125.27
N SER E 66 44.50 32.25 124.16
CA SER E 66 44.45 33.69 124.12
C SER E 66 43.52 34.20 125.22
N GLN E 67 42.53 33.39 125.59
CA GLN E 67 41.60 33.79 126.65
C GLN E 67 42.30 33.63 128.00
N LEU E 68 42.83 32.44 128.26
CA LEU E 68 43.51 32.26 129.53
C LEU E 68 44.66 33.25 129.66
N MET E 69 45.31 33.57 128.55
CA MET E 69 46.41 34.49 128.64
C MET E 69 45.98 35.89 129.05
N ARG E 70 44.69 36.16 128.94
CA ARG E 70 44.19 37.47 129.30
C ARG E 70 43.98 37.58 130.80
N LEU E 71 43.38 36.56 131.39
CA LEU E 71 43.16 36.56 132.83
C LEU E 71 44.51 36.68 133.52
N MET E 72 45.44 35.83 133.13
CA MET E 72 46.75 35.83 133.76
C MET E 72 47.44 37.19 133.71
N VAL E 73 46.97 38.07 132.83
CA VAL E 73 47.65 39.34 132.72
C VAL E 73 46.85 40.59 133.11
N ALA E 74 45.66 40.39 133.67
CA ALA E 74 44.86 41.53 134.11
C ALA E 74 45.02 41.64 135.63
N ARG F 1 -10.95 -25.62 -52.58
CA ARG F 1 -11.72 -26.87 -52.33
C ARG F 1 -10.89 -28.01 -51.76
N PHE F 2 -9.57 -27.88 -51.75
CA PHE F 2 -8.76 -28.94 -51.14
C PHE F 2 -9.26 -29.10 -49.71
N ILE F 3 -8.73 -30.08 -48.98
CA ILE F 3 -9.17 -30.26 -47.61
C ILE F 3 -8.09 -29.76 -46.66
N CYS F 4 -8.45 -29.68 -45.38
CA CYS F 4 -7.56 -29.20 -44.34
C CYS F 4 -7.06 -30.29 -43.41
N ILE F 5 -5.75 -30.28 -43.17
CA ILE F 5 -5.12 -31.22 -42.29
C ILE F 5 -4.19 -30.44 -41.36
N TYR F 6 -4.60 -30.26 -40.11
CA TYR F 6 -3.79 -29.57 -39.10
C TYR F 6 -3.00 -30.60 -38.27
N PRO F 7 -1.74 -30.29 -37.93
CA PRO F 7 -1.00 -31.28 -37.13
C PRO F 7 -1.75 -31.71 -35.86
N ALA F 8 -2.56 -30.82 -35.30
CA ALA F 8 -3.27 -31.21 -34.10
C ALA F 8 -4.04 -32.50 -34.37
N TYR F 9 -4.57 -32.63 -35.57
CA TYR F 9 -5.33 -33.81 -35.96
C TYR F 9 -4.59 -35.14 -35.71
N LEU F 10 -3.27 -35.12 -35.97
CA LEU F 10 -2.43 -36.29 -35.86
C LEU F 10 -1.51 -36.27 -34.66
N ASN F 11 -1.89 -35.56 -33.61
CA ASN F 11 -0.98 -35.49 -32.48
C ASN F 11 -1.42 -36.37 -31.34
N ASN F 12 -0.61 -37.39 -31.03
CA ASN F 12 -0.97 -38.29 -29.94
C ASN F 12 -0.82 -37.64 -28.57
N LYS F 13 -0.23 -36.45 -28.52
CA LYS F 13 -0.05 -35.75 -27.26
C LYS F 13 -1.24 -34.82 -26.98
N LYS F 14 -2.21 -34.82 -27.87
CA LYS F 14 -3.37 -33.95 -27.68
C LYS F 14 -4.63 -34.74 -27.34
N THR F 15 -5.50 -34.16 -26.52
CA THR F 15 -6.73 -34.87 -26.20
C THR F 15 -7.71 -34.66 -27.35
N ILE F 16 -8.93 -35.11 -27.18
CA ILE F 16 -9.95 -34.94 -28.22
C ILE F 16 -10.18 -33.47 -28.40
N ALA F 17 -10.69 -32.85 -27.34
CA ALA F 17 -10.99 -31.44 -27.36
C ALA F 17 -9.81 -30.56 -27.78
N GLU F 18 -8.60 -31.10 -27.71
CA GLU F 18 -7.46 -30.33 -28.10
C GLU F 18 -7.22 -30.40 -29.59
N GLY F 19 -8.03 -31.22 -30.27
CA GLY F 19 -7.97 -31.30 -31.74
C GLY F 19 -7.57 -32.64 -32.36
N ARG F 20 -7.42 -33.71 -31.57
CA ARG F 20 -7.02 -35.01 -32.13
C ARG F 20 -8.20 -35.63 -32.89
N ARG F 21 -7.90 -36.17 -34.06
CA ARG F 21 -8.92 -36.76 -34.90
C ARG F 21 -8.80 -38.26 -35.10
N ILE F 22 -7.68 -38.84 -34.71
CA ILE F 22 -7.49 -40.25 -34.89
C ILE F 22 -7.14 -40.91 -33.56
N PRO F 23 -7.42 -42.22 -33.42
CA PRO F 23 -7.14 -42.96 -32.18
C PRO F 23 -5.67 -42.79 -31.76
N ILE F 24 -5.45 -42.66 -30.46
CA ILE F 24 -4.09 -42.50 -29.98
C ILE F 24 -3.19 -43.60 -30.51
N SER F 25 -3.76 -44.80 -30.61
CA SER F 25 -3.00 -45.95 -31.10
C SER F 25 -2.38 -45.69 -32.47
N LYS F 26 -3.02 -44.85 -33.26
CA LYS F 26 -2.48 -44.54 -34.58
C LYS F 26 -1.87 -43.15 -34.67
N ALA F 27 -2.20 -42.30 -33.72
CA ALA F 27 -1.66 -40.94 -33.68
C ALA F 27 -0.14 -40.96 -33.63
N VAL F 28 0.47 -39.77 -33.65
CA VAL F 28 1.92 -39.65 -33.68
C VAL F 28 2.43 -38.63 -32.68
N GLU F 29 3.71 -38.79 -32.30
CA GLU F 29 4.40 -37.93 -31.37
C GLU F 29 4.07 -36.50 -31.71
N ASN F 30 4.93 -35.80 -32.44
CA ASN F 30 4.60 -34.41 -32.76
C ASN F 30 4.75 -34.18 -34.23
N PRO F 31 3.72 -34.53 -35.00
CA PRO F 31 3.75 -34.37 -36.46
C PRO F 31 3.82 -32.90 -36.80
N THR F 32 4.61 -32.59 -37.81
CA THR F 32 4.75 -31.21 -38.25
C THR F 32 4.11 -31.08 -39.62
N ALA F 33 3.35 -30.01 -39.82
CA ALA F 33 2.70 -29.82 -41.12
C ALA F 33 3.67 -30.19 -42.25
N THR F 34 4.95 -29.85 -42.09
CA THR F 34 5.92 -30.18 -43.13
C THR F 34 5.93 -31.68 -43.42
N GLU F 35 6.20 -32.48 -42.38
CA GLU F 35 6.23 -33.93 -42.49
C GLU F 35 4.93 -34.43 -43.13
N ILE F 36 3.80 -33.89 -42.72
CA ILE F 36 2.53 -34.29 -43.27
C ILE F 36 2.54 -34.09 -44.77
N GLN F 37 2.98 -32.92 -45.22
CA GLN F 37 3.01 -32.65 -46.64
C GLN F 37 4.02 -33.56 -47.33
N ASP F 38 5.18 -33.72 -46.72
CA ASP F 38 6.20 -34.56 -47.33
C ASP F 38 5.78 -36.02 -47.56
N VAL F 39 4.90 -36.56 -46.74
CA VAL F 39 4.48 -37.93 -46.95
C VAL F 39 3.30 -38.01 -47.91
N CYS F 40 2.49 -36.96 -47.95
CA CYS F 40 1.34 -36.94 -48.84
C CYS F 40 1.76 -36.71 -50.26
N SER F 41 2.70 -35.80 -50.47
CA SER F 41 3.15 -35.50 -51.81
C SER F 41 3.85 -36.71 -52.40
N ALA F 42 4.37 -37.57 -51.52
CA ALA F 42 5.10 -38.75 -51.95
C ALA F 42 4.24 -39.99 -52.01
N VAL F 43 3.04 -39.85 -52.57
CA VAL F 43 2.13 -40.98 -52.68
C VAL F 43 1.31 -40.71 -53.92
N GLY F 44 1.48 -39.51 -54.45
CA GLY F 44 0.76 -39.10 -55.64
C GLY F 44 -0.38 -38.15 -55.34
N LEU F 45 -0.42 -37.66 -54.11
CA LEU F 45 -1.46 -36.74 -53.71
C LEU F 45 -1.11 -35.31 -54.08
N ASN F 46 -2.10 -34.55 -54.54
CA ASN F 46 -1.87 -33.16 -54.89
C ASN F 46 -2.04 -32.38 -53.60
N VAL F 47 -0.99 -31.70 -53.17
CA VAL F 47 -1.07 -30.95 -51.93
C VAL F 47 -0.09 -29.79 -51.81
N PHE F 48 -0.52 -28.75 -51.09
CA PHE F 48 0.33 -27.59 -50.84
C PHE F 48 0.32 -27.21 -49.36
N LEU F 49 1.46 -26.74 -48.88
CA LEU F 49 1.66 -26.36 -47.49
C LEU F 49 1.38 -24.91 -47.14
N GLU F 50 0.46 -24.70 -46.20
CA GLU F 50 0.16 -23.34 -45.79
C GLU F 50 0.94 -23.00 -44.53
N LYS F 51 2.26 -22.93 -44.69
CA LYS F 51 3.27 -22.65 -43.67
C LYS F 51 2.85 -21.80 -42.46
N ASN F 52 2.14 -20.69 -42.67
CA ASN F 52 1.86 -19.81 -41.51
C ASN F 52 0.48 -19.91 -40.90
N LYS F 53 -0.42 -20.62 -41.53
CA LYS F 53 -1.72 -20.72 -40.89
C LYS F 53 -1.56 -21.38 -39.49
N MET F 54 -2.48 -21.09 -38.55
CA MET F 54 -2.42 -21.65 -37.20
C MET F 54 -3.76 -22.23 -36.75
N TYR F 55 -3.74 -23.43 -36.17
CA TYR F 55 -4.96 -24.10 -35.73
C TYR F 55 -5.58 -23.39 -34.54
N SER F 56 -6.85 -23.04 -34.63
CA SER F 56 -7.51 -22.28 -33.57
C SER F 56 -7.40 -22.84 -32.17
N ARG F 57 -7.36 -24.16 -32.04
CA ARG F 57 -7.25 -24.79 -30.72
C ARG F 57 -5.78 -25.05 -30.40
N GLU F 58 -4.91 -24.17 -30.77
CA GLU F 58 -3.50 -24.37 -30.54
C GLU F 58 -2.95 -23.16 -29.78
N TRP F 59 -2.92 -23.25 -28.45
CA TRP F 59 -2.46 -22.15 -27.60
C TRP F 59 -1.03 -21.74 -27.87
N ASN F 60 -0.18 -22.71 -28.22
CA ASN F 60 1.23 -22.45 -28.51
C ASN F 60 1.40 -21.64 -29.80
N ARG F 61 2.53 -20.94 -29.95
CA ARG F 61 2.74 -20.12 -31.14
C ARG F 61 4.04 -20.44 -31.87
N ASP F 62 4.82 -21.34 -31.30
CA ASP F 62 6.10 -21.81 -31.85
C ASP F 62 5.92 -22.24 -33.31
N VAL F 63 6.99 -22.73 -33.94
CA VAL F 63 6.91 -23.17 -35.34
C VAL F 63 6.54 -24.65 -35.44
N GLN F 64 7.34 -25.51 -34.83
CA GLN F 64 7.09 -26.95 -34.84
C GLN F 64 5.61 -27.24 -34.60
N TYR F 65 4.93 -26.27 -34.00
CA TYR F 65 3.52 -26.42 -33.65
C TYR F 65 2.56 -25.75 -34.64
N ARG F 66 3.03 -25.07 -35.69
CA ARG F 66 2.06 -24.42 -36.60
C ARG F 66 2.22 -24.69 -38.09
N GLY F 67 1.22 -24.27 -38.86
CA GLY F 67 1.20 -24.50 -40.30
C GLY F 67 -0.02 -25.33 -40.63
N ARG F 68 -0.36 -25.44 -41.91
CA ARG F 68 -1.54 -26.21 -42.33
C ARG F 68 -1.22 -26.91 -43.65
N VAL F 69 -1.87 -28.03 -43.93
CA VAL F 69 -1.60 -28.73 -45.18
C VAL F 69 -2.87 -28.99 -45.94
N ARG F 70 -2.83 -28.72 -47.24
CA ARG F 70 -4.00 -28.86 -48.12
C ARG F 70 -3.88 -29.90 -49.24
N VAL F 71 -4.78 -30.89 -49.23
CA VAL F 71 -4.73 -31.93 -50.24
C VAL F 71 -6.01 -32.05 -51.04
N GLN F 72 -5.82 -32.28 -52.34
CA GLN F 72 -6.91 -32.45 -53.29
C GLN F 72 -7.38 -33.90 -53.28
N LEU F 73 -8.65 -34.10 -52.96
CA LEU F 73 -9.20 -35.45 -52.96
C LEU F 73 -9.81 -35.71 -54.32
N LYS F 74 -10.99 -35.12 -54.53
CA LYS F 74 -11.69 -35.30 -55.79
C LYS F 74 -11.11 -34.38 -56.87
N GLN F 75 -11.55 -34.60 -58.10
CA GLN F 75 -11.15 -33.78 -59.19
C GLN F 75 -12.37 -33.01 -59.65
N GLU F 76 -12.18 -31.82 -60.21
CA GLU F 76 -13.30 -30.98 -60.63
C GLU F 76 -14.48 -31.77 -61.19
N ASP F 77 -14.21 -32.86 -61.90
CA ASP F 77 -15.31 -33.65 -62.44
C ASP F 77 -16.00 -34.44 -61.33
N GLY F 78 -15.23 -34.94 -60.37
CA GLY F 78 -15.81 -35.69 -59.27
C GLY F 78 -15.05 -36.92 -58.82
N SER F 79 -14.32 -37.53 -59.76
CA SER F 79 -13.53 -38.73 -59.49
C SER F 79 -12.49 -38.47 -58.42
N LEU F 80 -12.30 -39.43 -57.51
CA LEU F 80 -11.31 -39.27 -56.46
C LEU F 80 -9.96 -39.26 -57.17
N CYS F 81 -8.99 -38.52 -56.63
CA CYS F 81 -7.68 -38.48 -57.23
C CYS F 81 -6.96 -39.81 -57.06
N LEU F 82 -7.14 -40.43 -55.90
CA LEU F 82 -6.52 -41.73 -55.62
C LEU F 82 -7.52 -42.61 -54.88
N VAL F 83 -8.03 -43.61 -55.59
CA VAL F 83 -9.02 -44.58 -55.08
C VAL F 83 -8.86 -44.96 -53.63
N GLN F 84 -7.61 -45.09 -53.20
CA GLN F 84 -7.29 -45.49 -51.83
C GLN F 84 -7.49 -44.37 -50.81
N PHE F 85 -7.94 -43.21 -51.28
CA PHE F 85 -8.13 -42.06 -50.42
C PHE F 85 -9.48 -41.42 -50.59
N PRO F 86 -10.53 -42.04 -50.03
CA PRO F 86 -11.89 -41.52 -50.12
C PRO F 86 -11.99 -40.27 -49.28
N SER F 87 -12.16 -40.50 -47.99
CA SER F 87 -12.32 -39.50 -46.94
C SER F 87 -11.07 -38.71 -46.58
N ARG F 88 -11.21 -37.89 -45.54
CA ARG F 88 -10.08 -37.15 -44.99
C ARG F 88 -9.42 -38.09 -43.99
N LYS F 89 -10.25 -38.75 -43.21
CA LYS F 89 -9.78 -39.73 -42.23
C LYS F 89 -8.72 -40.60 -42.90
N SER F 90 -9.02 -41.01 -44.13
CA SER F 90 -8.12 -41.85 -44.90
C SER F 90 -6.73 -41.25 -44.98
N VAL F 91 -6.64 -39.95 -45.27
CA VAL F 91 -5.35 -39.31 -45.39
C VAL F 91 -4.71 -39.15 -44.02
N MET F 92 -5.49 -38.66 -43.07
CA MET F 92 -4.95 -38.45 -41.74
C MET F 92 -4.21 -39.73 -41.35
N LEU F 93 -4.95 -40.84 -41.30
CA LEU F 93 -4.38 -42.15 -40.94
C LEU F 93 -3.15 -42.53 -41.77
N TYR F 94 -3.25 -42.39 -43.08
CA TYR F 94 -2.13 -42.73 -43.92
C TYR F 94 -0.91 -41.95 -43.48
N ALA F 95 -1.13 -40.71 -43.06
CA ALA F 95 -0.03 -39.84 -42.65
C ALA F 95 0.51 -40.28 -41.30
N ALA F 96 -0.41 -40.49 -40.38
CA ALA F 96 -0.03 -40.91 -39.04
C ALA F 96 0.87 -42.14 -39.10
N GLU F 97 0.64 -42.99 -40.10
CA GLU F 97 1.42 -44.19 -40.21
C GLU F 97 2.78 -44.03 -40.88
N MET F 98 2.87 -43.14 -41.85
CA MET F 98 4.12 -42.98 -42.59
C MET F 98 5.16 -42.03 -42.02
N ILE F 99 4.73 -41.13 -41.15
CA ILE F 99 5.69 -40.19 -40.60
C ILE F 99 6.75 -40.84 -39.69
N PRO F 100 6.34 -41.76 -38.82
CA PRO F 100 7.34 -42.40 -37.96
C PRO F 100 8.34 -43.21 -38.77
N LYS F 101 8.33 -43.04 -40.08
CA LYS F 101 9.24 -43.77 -40.94
C LYS F 101 10.17 -42.81 -41.65
N LEU F 102 9.74 -41.57 -41.77
CA LEU F 102 10.59 -40.54 -42.38
C LEU F 102 11.99 -40.61 -41.79
N LYS F 103 12.98 -40.74 -42.66
CA LYS F 103 14.38 -40.81 -42.23
C LYS F 103 14.64 -39.78 -41.14
N THR F 104 14.17 -38.56 -41.36
CA THR F 104 14.37 -37.49 -40.41
C THR F 104 13.88 -37.82 -39.00
N ARG F 105 13.12 -38.90 -38.85
CA ARG F 105 12.63 -39.31 -37.53
C ARG F 105 13.28 -40.57 -37.00
N THR F 106 13.72 -41.43 -37.91
CA THR F 106 14.39 -42.67 -37.53
C THR F 106 15.82 -42.35 -37.14
N GLN F 107 16.31 -41.23 -37.67
CA GLN F 107 17.67 -40.71 -37.43
C GLN F 107 18.34 -41.22 -36.16
N LEU G 1 9.51 22.34 -20.43
CA LEU G 1 8.57 21.34 -20.91
C LEU G 1 9.01 20.71 -22.24
N GLY G 2 9.26 21.57 -23.24
CA GLY G 2 9.64 21.12 -24.55
C GLY G 2 10.85 20.22 -24.56
N PHE G 3 11.75 20.40 -23.59
CA PHE G 3 12.92 19.56 -23.56
C PHE G 3 12.60 18.08 -23.21
N PRO G 4 12.21 17.80 -21.94
CA PRO G 4 11.89 16.42 -21.53
C PRO G 4 10.83 15.78 -22.42
N ILE G 5 9.66 16.40 -22.49
CA ILE G 5 8.57 15.88 -23.32
C ILE G 5 9.06 15.46 -24.67
N ASN G 6 9.86 16.32 -25.31
CA ASN G 6 10.39 16.02 -26.63
C ASN G 6 11.53 15.03 -26.57
N PHE G 7 12.35 15.12 -25.52
CA PHE G 7 13.46 14.20 -25.37
C PHE G 7 13.06 12.78 -24.94
N LEU G 8 12.01 12.66 -24.13
CA LEU G 8 11.51 11.36 -23.68
C LEU G 8 10.84 10.72 -24.89
N THR G 9 10.08 11.52 -25.62
CA THR G 9 9.40 11.06 -26.82
C THR G 9 10.45 10.50 -27.76
N LEU G 10 11.56 11.22 -27.86
CA LEU G 10 12.67 10.82 -28.71
C LEU G 10 13.36 9.54 -28.19
N TYR G 11 13.77 9.57 -26.93
CA TYR G 11 14.43 8.43 -26.30
C TYR G 11 13.57 7.17 -26.33
N VAL G 12 12.26 7.33 -26.27
CA VAL G 12 11.41 6.16 -26.29
C VAL G 12 11.43 5.49 -27.67
N THR G 13 11.18 6.26 -28.74
CA THR G 13 11.12 5.71 -30.11
C THR G 13 12.36 4.90 -30.55
N VAL G 14 13.54 5.39 -30.16
CA VAL G 14 14.83 4.76 -30.50
C VAL G 14 15.03 3.41 -29.80
N GLN G 15 14.76 3.41 -28.50
CA GLN G 15 14.90 2.26 -27.63
C GLN G 15 13.97 1.10 -27.98
N HIS G 16 12.74 1.44 -28.39
CA HIS G 16 11.75 0.43 -28.75
C HIS G 16 11.86 0.13 -30.24
N LYS G 17 12.63 -0.91 -30.53
CA LYS G 17 12.94 -1.37 -31.89
C LYS G 17 11.84 -1.65 -32.91
N LYS G 18 10.60 -1.89 -32.45
CA LYS G 18 9.48 -2.14 -33.38
C LYS G 18 8.53 -0.95 -33.55
#